data_1JLR
#
_entry.id   1JLR
#
_cell.length_a   60.600
_cell.length_b   141.800
_cell.length_c   71.400
_cell.angle_alpha   90.00
_cell.angle_beta   115.00
_cell.angle_gamma   90.00
#
_symmetry.space_group_name_H-M   'P 1 21 1'
#
loop_
_entity.id
_entity.type
_entity.pdbx_description
1 polymer 'Uracil Phosphoribosyltransferase'
2 non-polymer 'PHOSPHATE ION'
3 non-polymer "GUANOSINE-5'-TRIPHOSPHATE"
4 water water
#
_entity_poly.entity_id   1
_entity_poly.type   'polypeptide(L)'
_entity_poly.pdbx_seq_one_letter_code
;AQVPASGKLLVDPRYSTNDQEESILQDIITRFPNVVLMKQTAQLRAMMTIIRDKETPKEEFVFYADRLIRLLIEEALNEL
PFQKKEVTTPLDVSYHGVSFYSKICGVSIVRAGESMESGLRAVCRGVRIGKILIQRDETTAEPKLIYEKLPADIRERWVM
LLDPMCATAGSVCKAIEVLLRLGVKEERIIFVNILAAPQGIERVFKEYPKVRMVTAAVDICLNSRYYIVPGIGDFGDRYF
GTM
;
_entity_poly.pdbx_strand_id   A,B,D,C
#
# COMPACT_ATOMS: atom_id res chain seq x y z
N LEU A 9 -6.52 -25.40 -18.52
CA LEU A 9 -7.20 -26.70 -18.71
C LEU A 9 -8.04 -27.09 -17.50
N LEU A 10 -7.42 -27.19 -16.33
CA LEU A 10 -8.14 -27.57 -15.13
C LEU A 10 -9.06 -26.51 -14.55
N VAL A 11 -10.29 -26.93 -14.31
CA VAL A 11 -11.34 -26.09 -13.77
C VAL A 11 -11.60 -26.53 -12.34
N ASP A 12 -11.61 -25.58 -11.41
CA ASP A 12 -11.85 -25.91 -10.00
C ASP A 12 -13.31 -26.36 -9.79
N PRO A 13 -13.54 -27.44 -9.03
CA PRO A 13 -14.85 -28.01 -8.73
C PRO A 13 -15.92 -27.04 -8.21
N ARG A 14 -15.53 -26.25 -7.20
CA ARG A 14 -16.38 -25.25 -6.56
C ARG A 14 -17.43 -24.63 -7.46
N TYR A 15 -16.96 -23.85 -8.43
CA TYR A 15 -17.82 -23.14 -9.36
C TYR A 15 -18.27 -23.89 -10.61
N SER A 16 -19.44 -23.53 -11.09
CA SER A 16 -19.99 -24.13 -12.30
C SER A 16 -19.33 -23.38 -13.45
N THR A 17 -19.05 -24.07 -14.53
CA THR A 17 -18.39 -23.45 -15.68
C THR A 17 -19.37 -23.00 -16.75
N ASN A 18 -19.06 -21.83 -17.35
CA ASN A 18 -19.89 -21.30 -18.42
C ASN A 18 -19.82 -22.29 -19.57
N ASP A 19 -20.88 -22.35 -20.38
CA ASP A 19 -20.92 -23.28 -21.49
C ASP A 19 -19.67 -23.34 -22.37
N GLN A 20 -19.19 -24.56 -22.62
CA GLN A 20 -18.02 -24.81 -23.46
C GLN A 20 -16.73 -24.18 -22.96
N GLU A 21 -16.62 -23.95 -21.66
CA GLU A 21 -15.43 -23.33 -21.09
C GLU A 21 -14.23 -24.26 -20.98
N GLU A 22 -14.44 -25.42 -20.37
CA GLU A 22 -13.36 -26.40 -20.23
C GLU A 22 -12.77 -26.68 -21.61
N SER A 23 -13.65 -26.76 -22.61
CA SER A 23 -13.22 -27.03 -23.98
C SER A 23 -12.27 -25.97 -24.50
N ILE A 24 -12.80 -24.76 -24.71
CA ILE A 24 -12.01 -23.64 -25.22
C ILE A 24 -10.65 -23.56 -24.53
N LEU A 25 -10.65 -23.60 -23.21
CA LEU A 25 -9.42 -23.52 -22.44
C LEU A 25 -8.36 -24.54 -22.86
N GLN A 26 -8.73 -25.82 -22.92
CA GLN A 26 -7.77 -26.87 -23.30
C GLN A 26 -7.25 -26.66 -24.72
N ASP A 27 -8.18 -26.36 -25.62
CA ASP A 27 -7.90 -26.11 -27.02
C ASP A 27 -6.87 -24.98 -27.16
N ILE A 28 -7.00 -23.95 -26.32
CA ILE A 28 -6.06 -22.83 -26.35
C ILE A 28 -4.71 -23.31 -25.84
N ILE A 29 -4.73 -24.00 -24.71
CA ILE A 29 -3.50 -24.51 -24.09
C ILE A 29 -2.70 -25.40 -25.04
N THR A 30 -3.40 -26.33 -25.68
CA THR A 30 -2.74 -27.25 -26.60
C THR A 30 -2.25 -26.56 -27.88
N ARG A 31 -3.14 -25.79 -28.53
CA ARG A 31 -2.80 -25.08 -29.77
C ARG A 31 -1.70 -24.01 -29.62
N PHE A 32 -1.69 -23.29 -28.50
CA PHE A 32 -0.71 -22.24 -28.29
C PHE A 32 0.18 -22.46 -27.07
N PRO A 33 1.32 -23.14 -27.26
CA PRO A 33 2.27 -23.44 -26.18
C PRO A 33 2.88 -22.21 -25.49
N ASN A 34 2.73 -21.04 -26.10
CA ASN A 34 3.29 -19.84 -25.50
C ASN A 34 2.34 -19.11 -24.55
N VAL A 35 1.06 -19.51 -24.51
CA VAL A 35 0.13 -18.86 -23.59
C VAL A 35 0.16 -19.65 -22.29
N VAL A 36 0.12 -18.94 -21.17
CA VAL A 36 0.11 -19.61 -19.89
C VAL A 36 -1.10 -19.07 -19.14
N LEU A 37 -2.04 -19.96 -18.84
CA LEU A 37 -3.27 -19.63 -18.14
C LEU A 37 -3.00 -19.72 -16.66
N MET A 38 -3.57 -18.82 -15.87
CA MET A 38 -3.36 -18.86 -14.43
C MET A 38 -4.17 -20.02 -13.92
N LYS A 39 -3.74 -20.61 -12.79
CA LYS A 39 -4.48 -21.73 -12.22
C LYS A 39 -5.91 -21.28 -11.92
N GLN A 40 -6.87 -21.99 -12.47
CA GLN A 40 -8.27 -21.62 -12.27
C GLN A 40 -8.77 -22.03 -10.87
N THR A 41 -8.41 -21.23 -9.87
CA THR A 41 -8.83 -21.52 -8.50
C THR A 41 -10.12 -20.79 -8.18
N ALA A 42 -10.75 -21.18 -7.07
CA ALA A 42 -12.01 -20.58 -6.65
C ALA A 42 -11.81 -19.11 -6.27
N GLN A 43 -10.64 -18.77 -5.72
CA GLN A 43 -10.36 -17.39 -5.34
C GLN A 43 -10.40 -16.54 -6.60
N LEU A 44 -9.68 -16.98 -7.62
CA LEU A 44 -9.64 -16.26 -8.89
C LEU A 44 -11.06 -16.08 -9.40
N ARG A 45 -11.84 -17.15 -9.40
CA ARG A 45 -13.21 -17.11 -9.86
C ARG A 45 -14.02 -16.14 -8.99
N ALA A 46 -13.76 -16.16 -7.69
CA ALA A 46 -14.48 -15.26 -6.80
C ALA A 46 -14.22 -13.83 -7.20
N MET A 47 -12.95 -13.50 -7.44
CA MET A 47 -12.59 -12.14 -7.83
C MET A 47 -13.19 -11.77 -9.19
N MET A 48 -13.19 -12.71 -10.12
CA MET A 48 -13.75 -12.47 -11.46
C MET A 48 -15.24 -12.16 -11.42
N THR A 49 -15.98 -12.83 -10.54
CA THR A 49 -17.41 -12.59 -10.49
C THR A 49 -17.70 -11.17 -9.99
N ILE A 50 -16.88 -10.70 -9.06
CA ILE A 50 -17.05 -9.35 -8.53
C ILE A 50 -16.76 -8.29 -9.58
N ILE A 51 -15.66 -8.41 -10.31
CA ILE A 51 -15.33 -7.40 -11.31
C ILE A 51 -16.19 -7.51 -12.58
N ARG A 52 -16.74 -8.68 -12.88
CA ARG A 52 -17.56 -8.85 -14.09
C ARG A 52 -19.01 -8.46 -13.86
N ASP A 53 -19.41 -8.41 -12.59
CA ASP A 53 -20.79 -8.08 -12.26
C ASP A 53 -21.15 -6.63 -12.54
N LYS A 54 -22.18 -6.43 -13.37
CA LYS A 54 -22.68 -5.09 -13.71
C LYS A 54 -22.88 -4.25 -12.45
N GLU A 55 -23.55 -4.87 -11.47
CA GLU A 55 -23.88 -4.25 -10.19
C GLU A 55 -22.73 -3.76 -9.32
N THR A 56 -21.53 -4.27 -9.52
CA THR A 56 -20.40 -3.87 -8.69
C THR A 56 -20.01 -2.40 -8.78
N PRO A 57 -20.00 -1.71 -7.63
CA PRO A 57 -19.65 -0.29 -7.51
C PRO A 57 -18.17 -0.06 -7.78
N LYS A 58 -17.83 1.14 -8.24
CA LYS A 58 -16.45 1.47 -8.60
C LYS A 58 -15.37 1.20 -7.56
N GLU A 59 -15.62 1.51 -6.29
CA GLU A 59 -14.61 1.27 -5.27
C GLU A 59 -14.30 -0.22 -5.12
N GLU A 60 -15.32 -1.05 -5.32
CA GLU A 60 -15.16 -2.49 -5.22
C GLU A 60 -14.49 -3.03 -6.47
N PHE A 61 -14.88 -2.51 -7.64
CA PHE A 61 -14.29 -2.97 -8.89
C PHE A 61 -12.78 -2.74 -8.92
N VAL A 62 -12.31 -1.59 -8.45
CA VAL A 62 -10.86 -1.35 -8.52
C VAL A 62 -10.09 -2.05 -7.39
N PHE A 63 -10.76 -2.35 -6.29
CA PHE A 63 -10.07 -3.02 -5.19
C PHE A 63 -9.75 -4.46 -5.60
N TYR A 64 -10.75 -5.14 -6.16
CA TYR A 64 -10.59 -6.51 -6.58
C TYR A 64 -9.76 -6.60 -7.85
N ALA A 65 -9.94 -5.64 -8.75
CA ALA A 65 -9.16 -5.61 -9.97
C ALA A 65 -7.70 -5.45 -9.58
N ASP A 66 -7.40 -4.56 -8.63
CA ASP A 66 -6.02 -4.38 -8.22
C ASP A 66 -5.51 -5.66 -7.60
N ARG A 67 -6.38 -6.28 -6.82
CA ARG A 67 -6.04 -7.52 -6.14
C ARG A 67 -5.65 -8.60 -7.15
N LEU A 68 -6.47 -8.75 -8.20
CA LEU A 68 -6.22 -9.74 -9.23
C LEU A 68 -4.93 -9.43 -9.99
N ILE A 69 -4.79 -8.18 -10.42
CA ILE A 69 -3.60 -7.71 -11.16
C ILE A 69 -2.32 -8.18 -10.47
N ARG A 70 -2.36 -8.15 -9.14
CA ARG A 70 -1.23 -8.55 -8.32
C ARG A 70 -0.86 -10.01 -8.54
N LEU A 71 -1.86 -10.86 -8.48
CA LEU A 71 -1.60 -12.27 -8.67
C LEU A 71 -1.07 -12.48 -10.08
N LEU A 72 -1.75 -11.87 -11.04
CA LEU A 72 -1.40 -11.96 -12.45
C LEU A 72 0.03 -11.48 -12.77
N ILE A 73 0.49 -10.40 -12.12
CA ILE A 73 1.84 -9.89 -12.37
C ILE A 73 2.91 -10.84 -11.86
N GLU A 74 2.68 -11.44 -10.69
CA GLU A 74 3.63 -12.38 -10.09
C GLU A 74 3.71 -13.63 -10.99
N GLU A 75 2.59 -13.95 -11.63
CA GLU A 75 2.51 -15.08 -12.53
C GLU A 75 3.35 -14.79 -13.79
N ALA A 76 3.19 -13.58 -14.35
CA ALA A 76 3.91 -13.19 -15.55
C ALA A 76 5.42 -13.15 -15.31
N LEU A 77 5.84 -12.50 -14.21
CA LEU A 77 7.25 -12.40 -13.88
C LEU A 77 7.96 -13.75 -13.85
N ASN A 78 7.17 -14.83 -13.80
CA ASN A 78 7.75 -16.17 -13.77
C ASN A 78 8.25 -16.59 -15.14
N GLU A 79 7.99 -15.77 -16.15
CA GLU A 79 8.42 -16.10 -17.49
C GLU A 79 9.77 -15.47 -17.83
N LEU A 80 10.36 -14.76 -16.88
CA LEU A 80 11.66 -14.14 -17.10
C LEU A 80 12.72 -15.21 -16.90
N PRO A 81 13.94 -14.98 -17.40
CA PRO A 81 15.01 -15.95 -17.24
C PRO A 81 15.57 -15.90 -15.82
N PHE A 82 16.02 -17.05 -15.31
CA PHE A 82 16.58 -17.09 -13.96
C PHE A 82 17.92 -17.79 -13.93
N GLN A 83 18.80 -17.31 -13.05
CA GLN A 83 20.13 -17.88 -12.91
C GLN A 83 20.17 -18.65 -11.60
N LYS A 84 21.01 -19.69 -11.56
CA LYS A 84 21.14 -20.47 -10.35
C LYS A 84 21.98 -19.65 -9.37
N LYS A 85 21.61 -19.70 -8.09
CA LYS A 85 22.34 -18.96 -7.09
C LYS A 85 22.34 -19.69 -5.76
N GLU A 86 23.49 -19.69 -5.10
CA GLU A 86 23.62 -20.33 -3.81
C GLU A 86 23.90 -19.27 -2.76
N VAL A 87 23.23 -19.39 -1.62
CA VAL A 87 23.42 -18.43 -0.52
C VAL A 87 23.57 -19.21 0.77
N THR A 88 23.96 -18.51 1.82
CA THR A 88 24.12 -19.15 3.11
C THR A 88 23.06 -18.61 4.07
N THR A 89 22.52 -19.51 4.88
CA THR A 89 21.50 -19.25 5.89
C THR A 89 22.13 -18.62 7.14
N PRO A 90 21.33 -18.01 8.03
CA PRO A 90 21.98 -17.43 9.21
C PRO A 90 22.54 -18.59 10.05
N LEU A 91 22.13 -19.81 9.68
CA LEU A 91 22.54 -21.05 10.33
C LEU A 91 23.84 -21.59 9.74
N ASP A 92 24.39 -20.84 8.78
CA ASP A 92 25.62 -21.22 8.12
C ASP A 92 25.50 -22.54 7.36
N VAL A 93 24.41 -22.67 6.61
CA VAL A 93 24.18 -23.84 5.78
C VAL A 93 23.74 -23.30 4.42
N SER A 94 24.16 -23.96 3.35
CA SER A 94 23.84 -23.52 2.00
C SER A 94 22.44 -23.82 1.51
N TYR A 95 21.88 -22.87 0.77
CA TYR A 95 20.56 -22.98 0.20
C TYR A 95 20.72 -22.68 -1.29
N HIS A 96 20.30 -23.61 -2.13
CA HIS A 96 20.40 -23.44 -3.56
C HIS A 96 19.14 -22.79 -4.12
N GLY A 97 19.26 -21.52 -4.48
CA GLY A 97 18.11 -20.82 -5.01
C GLY A 97 18.38 -20.28 -6.39
N VAL A 98 17.76 -19.14 -6.68
CA VAL A 98 17.93 -18.49 -7.97
C VAL A 98 17.85 -17.00 -7.77
N SER A 99 18.12 -16.25 -8.84
CA SER A 99 18.08 -14.80 -8.78
C SER A 99 17.51 -14.22 -10.05
N PHE A 100 16.76 -13.13 -9.93
CA PHE A 100 16.24 -12.50 -11.14
C PHE A 100 17.44 -11.66 -11.55
N TYR A 101 17.67 -11.45 -12.84
CA TYR A 101 18.80 -10.64 -13.25
C TYR A 101 18.49 -9.75 -14.46
N SER A 102 17.60 -10.24 -15.30
CA SER A 102 17.20 -9.53 -16.50
C SER A 102 17.01 -8.01 -16.28
N LYS A 103 17.13 -7.27 -17.37
CA LYS A 103 16.92 -5.84 -17.38
C LYS A 103 15.51 -5.80 -17.92
N ILE A 104 14.56 -5.33 -17.11
CA ILE A 104 13.18 -5.30 -17.55
C ILE A 104 12.59 -3.91 -17.61
N CYS A 105 11.29 -3.85 -17.87
CA CYS A 105 10.56 -2.62 -17.94
C CYS A 105 9.15 -3.01 -18.34
N GLY A 106 8.17 -2.17 -17.98
CA GLY A 106 6.80 -2.48 -18.33
C GLY A 106 6.33 -1.45 -19.34
N VAL A 107 5.39 -1.84 -20.19
CA VAL A 107 4.85 -0.92 -21.18
C VAL A 107 3.33 -1.07 -21.18
N SER A 108 2.64 0.01 -20.90
CA SER A 108 1.19 -0.03 -20.87
C SER A 108 0.53 0.58 -22.10
N ILE A 109 -0.60 0.00 -22.51
CA ILE A 109 -1.35 0.51 -23.65
C ILE A 109 -2.26 1.57 -23.02
N VAL A 110 -1.98 2.83 -23.31
CA VAL A 110 -2.72 3.96 -22.74
C VAL A 110 -4.13 3.75 -22.24
N ARG A 111 -4.23 4.05 -20.95
CA ARG A 111 -5.38 3.98 -20.08
C ARG A 111 -5.57 2.59 -19.54
N ALA A 112 -6.42 1.80 -20.18
CA ALA A 112 -6.69 0.45 -19.70
C ALA A 112 -5.44 -0.22 -19.13
N GLY A 113 -4.36 -0.21 -19.90
CA GLY A 113 -3.13 -0.82 -19.45
C GLY A 113 -2.48 -0.16 -18.25
N GLU A 114 -2.68 1.14 -18.09
CA GLU A 114 -2.10 1.86 -16.96
C GLU A 114 -2.59 1.33 -15.62
N SER A 115 -3.79 0.76 -15.58
CA SER A 115 -4.35 0.20 -14.35
C SER A 115 -3.46 -0.94 -13.82
N MET A 116 -2.60 -1.46 -14.69
CA MET A 116 -1.70 -2.53 -14.32
C MET A 116 -0.32 -2.03 -13.91
N GLU A 117 -0.04 -0.76 -14.20
CA GLU A 117 1.24 -0.14 -13.86
C GLU A 117 1.53 -0.20 -12.37
N SER A 118 0.56 0.21 -11.56
CA SER A 118 0.70 0.21 -10.11
C SER A 118 0.92 -1.18 -9.54
N GLY A 119 0.27 -2.17 -10.12
CA GLY A 119 0.44 -3.54 -9.65
C GLY A 119 1.87 -3.95 -9.90
N LEU A 120 2.41 -3.58 -11.06
CA LEU A 120 3.77 -3.91 -11.39
C LEU A 120 4.74 -3.10 -10.55
N ARG A 121 4.38 -1.85 -10.27
CA ARG A 121 5.21 -0.95 -9.48
C ARG A 121 5.26 -1.38 -8.01
N ALA A 122 4.21 -2.07 -7.56
CA ALA A 122 4.16 -2.53 -6.17
C ALA A 122 5.17 -3.64 -5.93
N VAL A 123 5.30 -4.57 -6.87
CA VAL A 123 6.23 -5.67 -6.72
C VAL A 123 7.65 -5.35 -7.20
N CYS A 124 7.78 -4.50 -8.21
CA CYS A 124 9.09 -4.08 -8.73
C CYS A 124 9.24 -2.59 -8.52
N ARG A 125 9.83 -2.22 -7.38
CA ARG A 125 10.01 -0.81 -7.03
C ARG A 125 10.81 -0.02 -8.07
N GLY A 126 10.15 0.94 -8.69
CA GLY A 126 10.80 1.78 -9.67
C GLY A 126 11.06 1.19 -11.05
N VAL A 127 10.36 0.14 -11.43
CA VAL A 127 10.58 -0.43 -12.75
C VAL A 127 10.27 0.69 -13.75
N ARG A 128 11.00 0.70 -14.86
CA ARG A 128 10.79 1.72 -15.89
C ARG A 128 9.45 1.45 -16.55
N ILE A 129 8.69 2.50 -16.82
CA ILE A 129 7.38 2.36 -17.45
C ILE A 129 7.24 3.17 -18.75
N GLY A 130 7.02 2.46 -19.85
CA GLY A 130 6.81 3.13 -21.12
C GLY A 130 5.31 3.28 -21.25
N LYS A 131 4.86 4.02 -22.25
CA LYS A 131 3.43 4.23 -22.48
C LYS A 131 3.17 4.44 -23.97
N ILE A 132 2.21 3.68 -24.51
CA ILE A 132 1.87 3.76 -25.93
C ILE A 132 0.39 4.10 -26.09
N LEU A 133 0.08 5.21 -26.75
CA LEU A 133 -1.33 5.57 -26.95
C LEU A 133 -1.77 5.22 -28.37
N ILE A 134 -2.64 4.23 -28.48
CA ILE A 134 -3.14 3.79 -29.79
C ILE A 134 -4.57 4.28 -29.98
N GLN A 135 -4.90 4.66 -31.22
CA GLN A 135 -6.23 5.15 -31.56
C GLN A 135 -6.64 4.51 -32.89
N ARG A 136 -7.80 3.87 -32.91
CA ARG A 136 -8.25 3.22 -34.14
C ARG A 136 -8.85 4.25 -35.12
N ASP A 137 -8.59 4.02 -36.41
CA ASP A 137 -9.07 4.92 -37.47
C ASP A 137 -10.58 5.13 -37.44
N GLU A 138 -10.98 6.33 -37.83
CA GLU A 138 -12.38 6.73 -37.87
C GLU A 138 -13.06 6.27 -39.17
N THR A 139 -12.25 6.12 -40.22
CA THR A 139 -12.73 5.70 -41.52
C THR A 139 -12.72 4.17 -41.67
N THR A 140 -11.52 3.60 -41.69
CA THR A 140 -11.33 2.16 -41.84
C THR A 140 -11.14 1.42 -40.51
N ALA A 141 -10.84 2.18 -39.46
CA ALA A 141 -10.62 1.61 -38.13
C ALA A 141 -9.31 0.83 -38.03
N GLU A 142 -8.23 1.42 -38.55
CA GLU A 142 -6.91 0.80 -38.49
C GLU A 142 -6.09 1.50 -37.41
N PRO A 143 -5.61 0.74 -36.40
CA PRO A 143 -4.83 1.30 -35.30
C PRO A 143 -3.77 2.31 -35.74
N LYS A 144 -3.75 3.44 -35.06
CA LYS A 144 -2.80 4.51 -35.35
C LYS A 144 -2.09 4.95 -34.08
N LEU A 145 -0.76 4.94 -34.10
CA LEU A 145 0.02 5.37 -32.95
C LEU A 145 -0.22 6.86 -32.75
N ILE A 146 -0.74 7.25 -31.58
CA ILE A 146 -1.01 8.66 -31.29
C ILE A 146 0.06 9.29 -30.43
N TYR A 147 0.68 8.50 -29.56
CA TYR A 147 1.69 9.00 -28.66
C TYR A 147 2.44 7.85 -28.01
N GLU A 148 3.70 8.09 -27.67
CA GLU A 148 4.49 7.05 -27.03
C GLU A 148 5.71 7.63 -26.33
N LYS A 149 5.98 7.10 -25.14
CA LYS A 149 7.13 7.51 -24.32
C LYS A 149 7.72 6.23 -23.75
N LEU A 150 8.84 5.81 -24.30
CA LEU A 150 9.49 4.57 -23.88
C LEU A 150 10.90 4.79 -23.38
N PRO A 151 11.39 3.88 -22.53
CA PRO A 151 12.77 4.04 -22.03
C PRO A 151 13.72 4.17 -23.22
N ALA A 152 14.80 4.91 -23.05
CA ALA A 152 15.76 5.09 -24.13
C ALA A 152 16.43 3.79 -24.58
N ASP A 153 16.55 2.83 -23.66
CA ASP A 153 17.20 1.55 -23.95
C ASP A 153 16.28 0.33 -24.01
N ILE A 154 15.03 0.54 -24.36
CA ILE A 154 14.08 -0.56 -24.40
C ILE A 154 14.50 -1.76 -25.26
N ARG A 155 15.34 -1.54 -26.26
CA ARG A 155 15.75 -2.62 -27.15
C ARG A 155 16.55 -3.73 -26.47
N GLU A 156 17.17 -3.41 -25.35
CA GLU A 156 17.96 -4.40 -24.63
C GLU A 156 17.24 -4.89 -23.37
N ARG A 157 15.92 -4.72 -23.34
CA ARG A 157 15.14 -5.13 -22.18
C ARG A 157 14.05 -6.13 -22.47
N TRP A 158 13.62 -6.83 -21.43
CA TRP A 158 12.50 -7.74 -21.54
C TRP A 158 11.37 -6.77 -21.30
N VAL A 159 10.30 -6.88 -22.09
CA VAL A 159 9.18 -5.97 -21.95
C VAL A 159 7.89 -6.64 -21.44
N MET A 160 7.30 -6.01 -20.44
CA MET A 160 6.07 -6.48 -19.84
C MET A 160 4.97 -5.64 -20.47
N LEU A 161 4.42 -6.09 -21.59
CA LEU A 161 3.36 -5.35 -22.26
C LEU A 161 2.05 -5.49 -21.47
N LEU A 162 1.51 -4.36 -21.01
CA LEU A 162 0.29 -4.33 -20.19
C LEU A 162 -1.01 -3.88 -20.88
N ASP A 163 -2.00 -4.78 -20.93
CA ASP A 163 -3.29 -4.46 -21.53
C ASP A 163 -4.33 -5.45 -21.03
N PRO A 164 -5.19 -5.00 -20.11
CA PRO A 164 -6.23 -5.85 -19.53
C PRO A 164 -7.05 -6.71 -20.49
N MET A 165 -7.55 -6.12 -21.57
CA MET A 165 -8.35 -6.91 -22.53
C MET A 165 -7.71 -7.12 -23.88
N CYS A 166 -8.03 -8.27 -24.49
CA CYS A 166 -7.52 -8.63 -25.80
C CYS A 166 -8.67 -9.20 -26.62
N ALA A 167 -9.40 -8.33 -27.32
CA ALA A 167 -10.54 -8.77 -28.11
C ALA A 167 -10.15 -9.13 -29.55
N THR A 168 -9.83 -8.13 -30.35
CA THR A 168 -9.44 -8.36 -31.73
C THR A 168 -7.92 -8.46 -31.86
N ALA A 169 -7.22 -7.93 -30.85
CA ALA A 169 -5.75 -7.92 -30.78
C ALA A 169 -5.10 -6.84 -31.66
N GLY A 170 -5.93 -6.02 -32.29
CA GLY A 170 -5.41 -4.96 -33.14
C GLY A 170 -4.53 -3.96 -32.40
N SER A 171 -4.90 -3.65 -31.17
CA SER A 171 -4.14 -2.70 -30.36
C SER A 171 -2.79 -3.25 -29.92
N VAL A 172 -2.79 -4.45 -29.36
CA VAL A 172 -1.55 -5.05 -28.88
C VAL A 172 -0.61 -5.37 -30.05
N CYS A 173 -1.17 -5.80 -31.17
CA CYS A 173 -0.37 -6.11 -32.35
C CYS A 173 0.34 -4.88 -32.89
N LYS A 174 -0.37 -3.75 -32.94
CA LYS A 174 0.22 -2.51 -33.40
C LYS A 174 1.31 -2.12 -32.39
N ALA A 175 1.00 -2.28 -31.11
CA ALA A 175 1.94 -1.94 -30.05
C ALA A 175 3.23 -2.75 -30.17
N ILE A 176 3.07 -4.03 -30.49
CA ILE A 176 4.22 -4.93 -30.66
C ILE A 176 4.99 -4.55 -31.92
N GLU A 177 4.26 -4.13 -32.95
CA GLU A 177 4.88 -3.72 -34.20
C GLU A 177 5.92 -2.62 -33.94
N VAL A 178 5.50 -1.49 -33.37
CA VAL A 178 6.45 -0.41 -33.12
C VAL A 178 7.53 -0.85 -32.14
N LEU A 179 7.14 -1.61 -31.13
CA LEU A 179 8.10 -2.09 -30.15
C LEU A 179 9.23 -2.78 -30.91
N LEU A 180 8.85 -3.63 -31.86
CA LEU A 180 9.81 -4.37 -32.69
C LEU A 180 10.69 -3.40 -33.46
N ARG A 181 10.06 -2.45 -34.14
CA ARG A 181 10.74 -1.46 -34.95
C ARG A 181 11.84 -0.72 -34.18
N LEU A 182 11.61 -0.43 -32.89
CA LEU A 182 12.61 0.25 -32.09
C LEU A 182 13.71 -0.70 -31.67
N GLY A 183 13.57 -1.96 -32.04
CA GLY A 183 14.59 -2.94 -31.72
C GLY A 183 14.34 -3.95 -30.61
N VAL A 184 13.10 -4.09 -30.16
CA VAL A 184 12.81 -5.05 -29.10
C VAL A 184 12.67 -6.46 -29.69
N LYS A 185 13.41 -7.41 -29.15
CA LYS A 185 13.35 -8.79 -29.63
C LYS A 185 11.98 -9.39 -29.34
N GLU A 186 11.35 -9.92 -30.38
CA GLU A 186 10.02 -10.52 -30.26
C GLU A 186 9.85 -11.53 -29.12
N GLU A 187 10.86 -12.39 -28.93
CA GLU A 187 10.78 -13.41 -27.89
C GLU A 187 11.05 -12.90 -26.47
N ARG A 188 11.18 -11.58 -26.33
CA ARG A 188 11.42 -10.99 -25.01
C ARG A 188 10.22 -10.19 -24.55
N ILE A 189 9.11 -10.28 -25.28
CA ILE A 189 7.92 -9.55 -24.93
C ILE A 189 6.91 -10.43 -24.18
N ILE A 190 6.65 -10.12 -22.91
CA ILE A 190 5.66 -10.90 -22.16
C ILE A 190 4.38 -10.07 -22.10
N PHE A 191 3.35 -10.54 -22.80
CA PHE A 191 2.07 -9.86 -22.83
C PHE A 191 1.20 -10.35 -21.67
N VAL A 192 1.07 -9.53 -20.63
CA VAL A 192 0.23 -9.89 -19.49
C VAL A 192 -1.16 -9.34 -19.76
N ASN A 193 -2.14 -10.21 -19.66
CA ASN A 193 -3.52 -9.86 -19.96
C ASN A 193 -4.48 -10.46 -18.92
N ILE A 194 -5.63 -9.80 -18.72
CA ILE A 194 -6.62 -10.30 -17.77
C ILE A 194 -7.71 -11.16 -18.39
N LEU A 195 -8.30 -10.66 -19.46
CA LEU A 195 -9.39 -11.32 -20.16
C LEU A 195 -9.11 -11.28 -21.66
N ALA A 196 -9.30 -12.41 -22.34
CA ALA A 196 -9.04 -12.45 -23.78
C ALA A 196 -10.05 -13.29 -24.54
N ALA A 197 -10.19 -13.01 -25.84
CA ALA A 197 -11.10 -13.77 -26.69
C ALA A 197 -10.25 -14.69 -27.55
N PRO A 198 -10.76 -15.88 -27.88
CA PRO A 198 -10.00 -16.82 -28.69
C PRO A 198 -9.42 -16.19 -29.95
N GLN A 199 -10.26 -15.57 -30.76
CA GLN A 199 -9.79 -14.95 -31.99
C GLN A 199 -8.67 -13.94 -31.80
N GLY A 200 -8.62 -13.31 -30.63
CA GLY A 200 -7.57 -12.34 -30.37
C GLY A 200 -6.24 -13.04 -30.14
N ILE A 201 -6.27 -14.18 -29.46
CA ILE A 201 -5.07 -14.96 -29.18
C ILE A 201 -4.46 -15.52 -30.47
N GLU A 202 -5.31 -16.00 -31.36
CA GLU A 202 -4.82 -16.54 -32.63
C GLU A 202 -4.15 -15.44 -33.42
N ARG A 203 -4.83 -14.31 -33.56
CA ARG A 203 -4.31 -13.18 -34.30
C ARG A 203 -2.90 -12.82 -33.85
N VAL A 204 -2.70 -12.72 -32.54
CA VAL A 204 -1.38 -12.36 -32.03
C VAL A 204 -0.30 -13.42 -32.27
N PHE A 205 -0.63 -14.70 -32.13
CA PHE A 205 0.36 -15.74 -32.35
C PHE A 205 0.57 -16.09 -33.82
N LYS A 206 -0.30 -15.55 -34.67
CA LYS A 206 -0.21 -15.75 -36.10
C LYS A 206 0.76 -14.71 -36.61
N GLU A 207 0.77 -13.55 -35.98
CA GLU A 207 1.65 -12.46 -36.37
C GLU A 207 2.99 -12.53 -35.65
N TYR A 208 2.93 -12.66 -34.33
CA TYR A 208 4.14 -12.70 -33.53
C TYR A 208 4.15 -13.98 -32.68
N PRO A 209 4.53 -15.11 -33.31
CA PRO A 209 4.59 -16.42 -32.67
C PRO A 209 5.58 -16.59 -31.51
N LYS A 210 6.56 -15.70 -31.40
CA LYS A 210 7.53 -15.83 -30.31
C LYS A 210 7.15 -15.19 -28.98
N VAL A 211 6.24 -14.22 -29.00
CA VAL A 211 5.87 -13.56 -27.76
C VAL A 211 5.23 -14.56 -26.80
N ARG A 212 5.19 -14.19 -25.53
CA ARG A 212 4.56 -15.02 -24.52
C ARG A 212 3.31 -14.28 -24.06
N MET A 213 2.31 -15.04 -23.64
CA MET A 213 1.09 -14.41 -23.14
C MET A 213 0.57 -15.13 -21.92
N VAL A 214 0.38 -14.38 -20.84
CA VAL A 214 -0.15 -14.95 -19.61
C VAL A 214 -1.49 -14.22 -19.39
N THR A 215 -2.57 -15.00 -19.40
CA THR A 215 -3.89 -14.45 -19.20
C THR A 215 -4.46 -15.06 -17.93
N ALA A 216 -5.58 -14.54 -17.45
CA ALA A 216 -6.22 -15.05 -16.25
C ALA A 216 -7.49 -15.77 -16.67
N ALA A 217 -8.00 -15.39 -17.84
CA ALA A 217 -9.22 -15.97 -18.36
C ALA A 217 -9.41 -15.77 -19.85
N VAL A 218 -9.94 -16.81 -20.49
CA VAL A 218 -10.25 -16.77 -21.93
C VAL A 218 -11.75 -16.92 -22.01
N ASP A 219 -12.42 -15.98 -22.68
CA ASP A 219 -13.87 -16.02 -22.83
C ASP A 219 -14.32 -16.69 -24.12
N ILE A 220 -15.63 -16.61 -24.39
CA ILE A 220 -16.22 -17.24 -25.56
C ILE A 220 -16.02 -16.54 -26.91
N CYS A 221 -16.60 -15.35 -27.05
CA CYS A 221 -16.52 -14.64 -28.31
C CYS A 221 -16.60 -13.12 -28.22
N LEU A 222 -16.71 -12.49 -29.38
CA LEU A 222 -16.82 -11.03 -29.52
C LEU A 222 -18.18 -10.73 -30.09
N ASN A 223 -18.78 -9.60 -29.71
CA ASN A 223 -20.07 -9.23 -30.27
C ASN A 223 -19.79 -8.25 -31.42
N SER A 224 -20.82 -7.88 -32.18
CA SER A 224 -20.63 -6.98 -33.32
C SER A 224 -20.02 -5.65 -32.92
N ARG A 225 -19.75 -5.46 -31.65
CA ARG A 225 -19.16 -4.21 -31.20
C ARG A 225 -17.76 -4.41 -30.64
N TYR A 226 -17.19 -5.58 -30.92
CA TYR A 226 -15.84 -5.95 -30.50
C TYR A 226 -15.65 -6.20 -29.00
N TYR A 227 -16.74 -6.29 -28.25
CA TYR A 227 -16.67 -6.55 -26.82
C TYR A 227 -16.65 -8.05 -26.55
N ILE A 228 -15.85 -8.46 -25.58
CA ILE A 228 -15.73 -9.87 -25.23
C ILE A 228 -16.98 -10.32 -24.47
N VAL A 229 -17.43 -11.54 -24.75
CA VAL A 229 -18.61 -12.10 -24.09
C VAL A 229 -18.23 -13.44 -23.43
N PRO A 230 -18.68 -13.68 -22.19
CA PRO A 230 -19.51 -12.81 -21.34
C PRO A 230 -18.82 -11.48 -21.01
N GLY A 231 -17.51 -11.43 -21.25
CA GLY A 231 -16.75 -10.22 -21.03
C GLY A 231 -16.78 -9.60 -19.64
N ILE A 232 -16.63 -8.28 -19.62
CA ILE A 232 -16.59 -7.54 -18.36
C ILE A 232 -17.03 -6.11 -18.59
N GLY A 233 -17.31 -5.77 -19.84
CA GLY A 233 -17.71 -4.41 -20.19
C GLY A 233 -16.42 -3.70 -20.56
N ASP A 234 -16.43 -2.37 -20.54
CA ASP A 234 -15.22 -1.62 -20.88
C ASP A 234 -14.37 -1.46 -19.63
N PHE A 235 -13.28 -2.22 -19.55
CA PHE A 235 -12.42 -2.16 -18.38
C PHE A 235 -11.93 -0.75 -18.06
N GLY A 236 -11.44 -0.02 -19.06
CA GLY A 236 -10.96 1.34 -18.83
C GLY A 236 -11.97 2.28 -18.19
N ASP A 237 -13.18 2.31 -18.74
CA ASP A 237 -14.24 3.15 -18.19
C ASP A 237 -14.57 2.72 -16.77
N ARG A 238 -14.77 1.42 -16.58
CA ARG A 238 -15.11 0.87 -15.27
C ARG A 238 -14.04 1.12 -14.22
N TYR A 239 -12.78 0.95 -14.58
CA TYR A 239 -11.71 1.16 -13.64
C TYR A 239 -11.49 2.62 -13.26
N PHE A 240 -11.29 3.49 -14.25
CA PHE A 240 -11.05 4.91 -13.99
C PHE A 240 -12.31 5.71 -13.70
N GLY A 241 -13.47 5.10 -13.93
CA GLY A 241 -14.74 5.75 -13.64
C GLY A 241 -15.22 6.81 -14.63
N THR A 242 -15.06 6.53 -15.93
CA THR A 242 -15.51 7.45 -16.96
C THR A 242 -16.67 6.83 -17.71
N MET A 243 -17.50 6.08 -16.98
CA MET A 243 -18.64 5.40 -17.58
C MET A 243 -19.36 6.28 -18.60
N LEU B 9 -2.00 27.35 17.23
CA LEU B 9 -2.86 28.37 17.90
C LEU B 9 -4.21 28.50 17.18
N LEU B 10 -4.23 28.07 15.91
CA LEU B 10 -5.44 28.15 15.10
C LEU B 10 -6.41 27.00 15.34
N VAL B 11 -7.60 27.14 14.78
CA VAL B 11 -8.66 26.14 14.85
C VAL B 11 -9.55 26.48 13.66
N ASP B 12 -9.57 25.59 12.66
CA ASP B 12 -10.36 25.80 11.45
C ASP B 12 -11.76 26.33 11.76
N PRO B 13 -12.14 27.47 11.14
CA PRO B 13 -13.45 28.10 11.33
C PRO B 13 -14.63 27.29 10.81
N ARG B 14 -14.37 26.46 9.79
CA ARG B 14 -15.41 25.65 9.18
C ARG B 14 -16.21 24.73 10.10
N TYR B 15 -15.59 24.25 11.18
CA TYR B 15 -16.33 23.38 12.09
C TYR B 15 -16.58 24.03 13.44
N SER B 16 -17.55 23.48 14.17
CA SER B 16 -17.91 24.00 15.48
C SER B 16 -17.22 23.16 16.56
N THR B 17 -16.21 23.73 17.22
CA THR B 17 -15.50 23.04 18.28
C THR B 17 -16.56 22.79 19.38
N ASN B 18 -16.30 21.85 20.27
CA ASN B 18 -17.27 21.58 21.34
C ASN B 18 -16.89 22.20 22.69
N ASP B 19 -17.91 22.51 23.48
CA ASP B 19 -17.76 23.14 24.80
C ASP B 19 -16.43 23.02 25.53
N GLN B 20 -15.75 24.15 25.61
CA GLN B 20 -14.45 24.29 26.28
C GLN B 20 -13.25 23.62 25.65
N GLU B 21 -13.37 23.15 24.41
CA GLU B 21 -12.24 22.53 23.74
C GLU B 21 -11.17 23.58 23.49
N GLU B 22 -11.60 24.77 23.08
CA GLU B 22 -10.70 25.87 22.81
C GLU B 22 -9.97 26.29 24.09
N SER B 23 -10.64 26.13 25.22
CA SER B 23 -10.06 26.48 26.52
C SER B 23 -8.98 25.48 26.90
N ILE B 24 -9.32 24.20 26.79
CA ILE B 24 -8.39 23.11 27.11
C ILE B 24 -7.11 23.25 26.30
N LEU B 25 -7.24 23.29 24.98
CA LEU B 25 -6.09 23.43 24.09
C LEU B 25 -5.23 24.61 24.50
N GLN B 26 -5.88 25.74 24.77
CA GLN B 26 -5.18 26.95 25.17
C GLN B 26 -4.26 26.64 26.35
N ASP B 27 -4.84 26.07 27.40
CA ASP B 27 -4.15 25.71 28.62
C ASP B 27 -2.94 24.80 28.41
N ILE B 28 -3.16 23.67 27.75
CA ILE B 28 -2.12 22.68 27.49
C ILE B 28 -0.96 23.24 26.67
N ILE B 29 -1.30 24.08 25.70
CA ILE B 29 -0.30 24.70 24.85
C ILE B 29 0.53 25.68 25.65
N THR B 30 -0.09 26.30 26.64
CA THR B 30 0.58 27.27 27.50
C THR B 30 1.44 26.59 28.57
N ARG B 31 0.83 25.62 29.26
CA ARG B 31 1.49 24.89 30.33
C ARG B 31 2.52 23.83 29.92
N PHE B 32 2.34 23.24 28.74
CA PHE B 32 3.29 22.21 28.29
C PHE B 32 3.94 22.50 26.95
N PRO B 33 5.18 23.00 26.99
CA PRO B 33 6.01 23.36 25.83
C PRO B 33 6.32 22.20 24.89
N ASN B 34 6.54 21.02 25.44
CA ASN B 34 6.89 19.84 24.66
C ASN B 34 5.76 19.10 23.98
N VAL B 35 4.55 19.64 23.97
CA VAL B 35 3.47 18.95 23.29
C VAL B 35 3.20 19.62 21.97
N VAL B 36 3.25 18.82 20.91
CA VAL B 36 3.03 19.26 19.55
C VAL B 36 1.64 18.82 19.11
N LEU B 37 0.79 19.79 18.84
CA LEU B 37 -0.56 19.52 18.41
C LEU B 37 -0.67 19.63 16.90
N MET B 38 -1.12 18.57 16.24
CA MET B 38 -1.29 18.61 14.80
C MET B 38 -2.21 19.76 14.48
N LYS B 39 -2.06 20.33 13.30
CA LYS B 39 -2.89 21.44 12.88
C LYS B 39 -4.35 20.98 12.82
N GLN B 40 -5.21 21.70 13.52
CA GLN B 40 -6.63 21.37 13.58
C GLN B 40 -7.37 21.78 12.31
N THR B 41 -7.18 21.01 11.24
CA THR B 41 -7.83 21.30 9.96
C THR B 41 -9.19 20.62 9.84
N ALA B 42 -9.96 21.00 8.84
CA ALA B 42 -11.27 20.40 8.61
C ALA B 42 -11.10 18.96 8.14
N GLN B 43 -10.02 18.70 7.42
CA GLN B 43 -9.77 17.35 6.94
C GLN B 43 -9.60 16.43 8.12
N LEU B 44 -8.74 16.84 9.05
CA LEU B 44 -8.47 16.08 10.24
C LEU B 44 -9.73 15.92 11.07
N ARG B 45 -10.52 16.98 11.15
CA ARG B 45 -11.75 16.92 11.92
C ARG B 45 -12.63 15.86 11.30
N ALA B 46 -12.79 15.92 9.98
CA ALA B 46 -13.61 14.97 9.25
C ALA B 46 -13.25 13.51 9.57
N MET B 47 -11.96 13.21 9.68
CA MET B 47 -11.51 11.86 9.98
C MET B 47 -11.86 11.50 11.43
N MET B 48 -11.56 12.42 12.34
CA MET B 48 -11.87 12.25 13.75
C MET B 48 -13.36 11.95 13.91
N THR B 49 -14.21 12.68 13.19
CA THR B 49 -15.63 12.43 13.34
C THR B 49 -16.06 11.06 12.81
N ILE B 50 -15.27 10.51 11.88
CA ILE B 50 -15.57 9.19 11.33
C ILE B 50 -15.21 8.13 12.37
N ILE B 51 -13.96 8.15 12.83
CA ILE B 51 -13.53 7.16 13.80
C ILE B 51 -14.16 7.31 15.18
N ARG B 52 -14.68 8.48 15.50
CA ARG B 52 -15.31 8.66 16.81
C ARG B 52 -16.76 8.18 16.77
N ASP B 53 -17.39 8.27 15.61
CA ASP B 53 -18.77 7.85 15.48
C ASP B 53 -18.89 6.37 15.83
N LYS B 54 -19.83 6.06 16.73
CA LYS B 54 -20.06 4.69 17.17
C LYS B 54 -20.72 3.85 16.08
N GLU B 55 -21.31 4.51 15.09
CA GLU B 55 -22.01 3.81 14.03
C GLU B 55 -21.14 3.32 12.88
N THR B 56 -19.89 3.76 12.81
CA THR B 56 -19.06 3.34 11.68
C THR B 56 -18.56 1.91 11.75
N PRO B 57 -18.64 1.21 10.60
CA PRO B 57 -18.21 -0.18 10.40
C PRO B 57 -16.69 -0.33 10.50
N LYS B 58 -16.25 -1.50 10.95
CA LYS B 58 -14.83 -1.77 11.14
C LYS B 58 -13.94 -1.50 9.93
N GLU B 59 -14.45 -1.73 8.73
CA GLU B 59 -13.67 -1.49 7.51
C GLU B 59 -13.35 0.00 7.37
N GLU B 60 -14.37 0.83 7.54
CA GLU B 60 -14.21 2.27 7.46
C GLU B 60 -13.35 2.79 8.60
N PHE B 61 -13.55 2.24 9.80
CA PHE B 61 -12.77 2.67 10.97
C PHE B 61 -11.29 2.42 10.75
N VAL B 62 -10.95 1.24 10.25
CA VAL B 62 -9.55 0.90 9.99
C VAL B 62 -8.93 1.80 8.92
N PHE B 63 -9.66 2.01 7.82
CA PHE B 63 -9.16 2.83 6.72
C PHE B 63 -8.85 4.28 7.11
N TYR B 64 -9.80 4.94 7.77
CA TYR B 64 -9.61 6.31 8.20
C TYR B 64 -8.62 6.45 9.34
N ALA B 65 -8.47 5.38 10.11
CA ALA B 65 -7.53 5.41 11.22
C ALA B 65 -6.12 5.33 10.67
N ASP B 66 -5.92 4.46 9.66
CA ASP B 66 -4.61 4.32 9.04
C ASP B 66 -4.22 5.62 8.35
N ARG B 67 -5.21 6.22 7.70
CA ARG B 67 -5.00 7.46 6.98
C ARG B 67 -4.57 8.55 7.96
N LEU B 68 -5.29 8.67 9.07
CA LEU B 68 -4.97 9.68 10.07
C LEU B 68 -3.61 9.41 10.74
N ILE B 69 -3.36 8.15 11.08
CA ILE B 69 -2.09 7.77 11.71
C ILE B 69 -0.91 8.11 10.79
N ARG B 70 -1.18 8.09 9.48
CA ARG B 70 -0.19 8.41 8.46
C ARG B 70 0.23 9.86 8.60
N LEU B 71 -0.75 10.77 8.62
CA LEU B 71 -0.46 12.19 8.77
C LEU B 71 0.23 12.46 10.10
N LEU B 72 -0.22 11.74 11.13
CA LEU B 72 0.32 11.89 12.48
C LEU B 72 1.80 11.50 12.55
N ILE B 73 2.15 10.36 11.97
CA ILE B 73 3.54 9.90 11.99
C ILE B 73 4.48 10.84 11.25
N GLU B 74 4.05 11.40 10.12
CA GLU B 74 4.91 12.32 9.37
C GLU B 74 5.19 13.53 10.27
N GLU B 75 4.15 13.99 10.97
CA GLU B 75 4.26 15.15 11.87
C GLU B 75 5.27 14.92 12.99
N ALA B 76 5.23 13.73 13.58
CA ALA B 76 6.14 13.38 14.67
C ALA B 76 7.59 13.29 14.21
N LEU B 77 7.79 12.79 12.99
CA LEU B 77 9.14 12.67 12.44
C LEU B 77 9.82 14.03 12.36
N ASN B 78 9.02 15.09 12.39
CA ASN B 78 9.54 16.45 12.33
C ASN B 78 10.24 16.82 13.62
N GLU B 79 10.04 16.00 14.64
CA GLU B 79 10.63 16.24 15.95
C GLU B 79 12.00 15.61 16.08
N LEU B 80 12.47 14.99 15.01
CA LEU B 80 13.78 14.37 15.01
C LEU B 80 14.80 15.42 14.59
N PRO B 81 16.08 15.22 14.92
CA PRO B 81 17.13 16.18 14.55
C PRO B 81 17.42 16.14 13.05
N PHE B 82 17.72 17.30 12.48
CA PHE B 82 18.03 17.39 11.05
C PHE B 82 19.40 18.00 10.83
N GLN B 83 20.11 17.47 9.84
CA GLN B 83 21.47 17.95 9.52
C GLN B 83 21.44 18.62 8.15
N LYS B 84 21.99 19.83 8.05
CA LYS B 84 21.99 20.53 6.76
C LYS B 84 22.73 19.78 5.68
N LYS B 85 22.21 19.85 4.46
CA LYS B 85 22.82 19.16 3.33
C LYS B 85 22.65 19.94 2.04
N GLU B 86 23.68 19.88 1.22
CA GLU B 86 23.66 20.58 -0.05
C GLU B 86 23.64 19.56 -1.18
N VAL B 87 22.74 19.74 -2.13
CA VAL B 87 22.65 18.84 -3.28
C VAL B 87 22.64 19.64 -4.57
N THR B 88 23.22 19.06 -5.60
CA THR B 88 23.24 19.72 -6.88
C THR B 88 22.08 19.13 -7.68
N THR B 89 21.18 19.99 -8.12
CA THR B 89 19.99 19.63 -8.88
C THR B 89 20.34 19.25 -10.33
N PRO B 90 19.38 18.68 -11.08
CA PRO B 90 19.65 18.29 -12.48
C PRO B 90 19.98 19.51 -13.36
N LEU B 91 19.60 20.69 -12.88
CA LEU B 91 19.86 21.93 -13.62
C LEU B 91 21.29 22.40 -13.38
N ASP B 92 22.04 21.61 -12.61
CA ASP B 92 23.43 21.94 -12.31
C ASP B 92 23.60 23.12 -11.38
N VAL B 93 22.63 23.35 -10.50
CA VAL B 93 22.74 24.44 -9.53
C VAL B 93 22.55 23.81 -8.16
N SER B 94 23.03 24.47 -7.12
CA SER B 94 22.88 23.94 -5.76
C SER B 94 21.51 24.19 -5.18
N TYR B 95 21.17 23.40 -4.18
CA TYR B 95 19.91 23.49 -3.46
C TYR B 95 20.23 23.18 -1.99
N HIS B 96 19.86 24.09 -1.09
CA HIS B 96 20.13 23.89 0.33
C HIS B 96 19.00 23.19 1.06
N GLY B 97 19.17 21.89 1.29
CA GLY B 97 18.16 21.11 1.97
C GLY B 97 18.63 20.57 3.30
N VAL B 98 18.04 19.46 3.72
CA VAL B 98 18.38 18.84 5.00
C VAL B 98 18.51 17.33 4.91
N SER B 99 19.15 16.76 5.91
CA SER B 99 19.37 15.32 5.98
C SER B 99 18.66 14.72 7.20
N PHE B 100 18.11 13.51 7.02
CA PHE B 100 17.41 12.77 8.08
C PHE B 100 18.38 12.24 9.13
N TYR B 101 17.98 12.26 10.40
CA TYR B 101 18.81 11.72 11.47
C TYR B 101 18.86 10.22 11.20
N SER B 102 19.95 9.55 11.55
CA SER B 102 20.06 8.13 11.25
C SER B 102 19.96 7.06 12.36
N LYS B 103 19.28 7.33 13.46
CA LYS B 103 19.20 6.30 14.49
C LYS B 103 17.86 6.27 15.21
N ILE B 104 16.85 5.73 14.54
CA ILE B 104 15.52 5.69 15.13
C ILE B 104 14.96 4.28 15.22
N CYS B 105 13.77 4.17 15.79
CA CYS B 105 13.08 2.90 15.97
C CYS B 105 11.71 3.18 16.56
N GLY B 106 10.74 2.34 16.22
CA GLY B 106 9.41 2.51 16.77
C GLY B 106 9.25 1.54 17.93
N VAL B 107 8.38 1.87 18.87
CA VAL B 107 8.12 0.97 20.01
C VAL B 107 6.62 1.01 20.27
N SER B 108 5.98 -0.14 20.11
CA SER B 108 4.55 -0.24 20.32
C SER B 108 4.20 -0.72 21.72
N ILE B 109 3.14 -0.16 22.27
CA ILE B 109 2.63 -0.58 23.57
C ILE B 109 1.61 -1.61 23.10
N VAL B 110 1.95 -2.89 23.31
CA VAL B 110 1.14 -3.98 22.80
C VAL B 110 -0.37 -3.90 22.68
N ARG B 111 -0.73 -4.12 21.42
CA ARG B 111 -2.04 -4.15 20.82
C ARG B 111 -2.48 -2.80 20.33
N ALA B 112 -2.90 -1.90 21.22
CA ALA B 112 -3.33 -0.58 20.76
C ALA B 112 -2.24 0.14 19.95
N GLY B 113 -1.02 0.14 20.47
CA GLY B 113 0.08 0.80 19.78
C GLY B 113 0.52 0.12 18.50
N GLU B 114 0.23 -1.17 18.36
CA GLU B 114 0.64 -1.91 17.14
C GLU B 114 -0.05 -1.42 15.88
N SER B 115 -1.16 -0.71 16.03
CA SER B 115 -1.89 -0.19 14.89
C SER B 115 -1.14 0.96 14.19
N MET B 116 -0.18 1.56 14.88
CA MET B 116 0.58 2.66 14.31
C MET B 116 1.87 2.18 13.63
N GLU B 117 2.22 0.91 13.87
CA GLU B 117 3.40 0.28 13.30
C GLU B 117 3.36 0.29 11.76
N SER B 118 2.23 -0.12 11.19
CA SER B 118 2.09 -0.16 9.74
C SER B 118 2.26 1.21 9.14
N GLY B 119 1.82 2.24 9.87
CA GLY B 119 1.97 3.60 9.39
C GLY B 119 3.44 4.01 9.40
N LEU B 120 4.13 3.62 10.47
CA LEU B 120 5.54 3.94 10.60
C LEU B 120 6.35 3.17 9.53
N ARG B 121 6.03 1.89 9.36
CA ARG B 121 6.70 1.05 8.37
C ARG B 121 6.39 1.54 6.94
N ALA B 122 5.31 2.31 6.78
CA ALA B 122 4.91 2.84 5.47
C ALA B 122 5.83 3.95 5.00
N VAL B 123 6.20 4.84 5.92
CA VAL B 123 7.07 5.95 5.59
C VAL B 123 8.53 5.64 5.90
N CYS B 124 8.77 4.74 6.85
CA CYS B 124 10.14 4.35 7.20
C CYS B 124 10.33 2.87 6.97
N ARG B 125 10.46 2.47 5.71
CA ARG B 125 10.63 1.06 5.39
C ARG B 125 11.86 0.48 6.09
N GLY B 126 11.62 -0.61 6.84
CA GLY B 126 12.68 -1.26 7.56
C GLY B 126 12.99 -0.74 8.96
N VAL B 127 12.20 0.20 9.49
CA VAL B 127 12.50 0.68 10.84
C VAL B 127 12.36 -0.44 11.83
N ARG B 128 13.31 -0.50 12.75
CA ARG B 128 13.30 -1.49 13.79
C ARG B 128 12.05 -1.22 14.64
N ILE B 129 11.40 -2.28 15.10
CA ILE B 129 10.20 -2.12 15.91
C ILE B 129 10.23 -2.93 17.20
N GLY B 130 10.21 -2.22 18.32
CA GLY B 130 10.22 -2.85 19.63
C GLY B 130 8.78 -2.98 20.12
N LYS B 131 8.56 -3.88 21.06
CA LYS B 131 7.21 -4.07 21.60
C LYS B 131 7.26 -4.27 23.09
N ILE B 132 6.28 -3.69 23.78
CA ILE B 132 6.16 -3.79 25.24
C ILE B 132 4.71 -4.11 25.57
N LEU B 133 4.50 -5.11 26.42
CA LEU B 133 3.16 -5.46 26.84
C LEU B 133 3.03 -5.15 28.32
N ILE B 134 2.26 -4.12 28.62
CA ILE B 134 2.02 -3.67 30.00
C ILE B 134 0.58 -4.07 30.31
N GLN B 135 0.38 -4.78 31.41
CA GLN B 135 -0.96 -5.24 31.80
C GLN B 135 -1.25 -4.89 33.27
N ARG B 136 -2.36 -4.21 33.53
CA ARG B 136 -2.72 -3.86 34.92
C ARG B 136 -3.23 -5.10 35.64
N ASP B 137 -2.74 -5.32 36.86
CA ASP B 137 -3.15 -6.47 37.68
C ASP B 137 -4.67 -6.48 37.88
N GLU B 138 -5.31 -7.62 37.64
CA GLU B 138 -6.76 -7.72 37.79
C GLU B 138 -7.35 -7.30 39.13
N THR B 139 -6.55 -7.33 40.19
CA THR B 139 -7.04 -6.94 41.51
C THR B 139 -6.41 -5.63 41.96
N THR B 140 -5.08 -5.63 41.99
CA THR B 140 -4.27 -4.48 42.41
C THR B 140 -4.41 -3.26 41.51
N ALA B 141 -4.67 -3.48 40.22
CA ALA B 141 -4.80 -2.40 39.25
C ALA B 141 -3.45 -1.80 38.86
N GLU B 142 -2.37 -2.42 39.33
CA GLU B 142 -1.03 -1.95 39.04
C GLU B 142 -0.55 -2.31 37.64
N PRO B 143 0.03 -1.33 36.92
CA PRO B 143 0.56 -1.52 35.56
C PRO B 143 1.79 -2.42 35.65
N LYS B 144 1.71 -3.58 35.02
CA LYS B 144 2.82 -4.51 35.07
C LYS B 144 3.36 -4.88 33.69
N LEU B 145 4.69 -5.06 33.62
CA LEU B 145 5.36 -5.44 32.38
C LEU B 145 5.20 -6.94 32.21
N ILE B 146 4.52 -7.34 31.13
CA ILE B 146 4.26 -8.73 30.84
C ILE B 146 5.26 -9.30 29.84
N TYR B 147 5.49 -8.54 28.78
CA TYR B 147 6.38 -8.96 27.71
C TYR B 147 7.09 -7.77 27.06
N GLU B 148 8.35 -7.99 26.65
CA GLU B 148 9.11 -6.93 26.00
C GLU B 148 10.18 -7.49 25.05
N LYS B 149 10.21 -6.95 23.83
CA LYS B 149 11.17 -7.34 22.79
C LYS B 149 11.64 -6.05 22.10
N LEU B 150 12.75 -5.50 22.58
CA LEU B 150 13.28 -4.25 22.03
C LEU B 150 14.58 -4.48 21.28
N PRO B 151 14.98 -3.51 20.45
CA PRO B 151 16.23 -3.62 19.68
C PRO B 151 17.39 -3.61 20.67
N ALA B 152 18.41 -4.40 20.39
CA ALA B 152 19.58 -4.49 21.26
C ALA B 152 20.25 -3.15 21.57
N ASP B 153 20.26 -2.25 20.59
CA ASP B 153 20.92 -0.96 20.75
C ASP B 153 19.97 0.22 20.93
N ILE B 154 18.79 -0.05 21.47
CA ILE B 154 17.78 0.98 21.67
C ILE B 154 18.29 2.17 22.49
N ARG B 155 19.29 1.94 23.34
CA ARG B 155 19.83 3.02 24.17
C ARG B 155 20.51 4.08 23.31
N GLU B 156 20.98 3.68 22.13
CA GLU B 156 21.67 4.59 21.21
C GLU B 156 20.71 5.26 20.22
N ARG B 157 19.45 4.89 20.27
CA ARG B 157 18.47 5.43 19.34
C ARG B 157 17.47 6.41 19.91
N TRP B 158 16.70 7.01 19.00
CA TRP B 158 15.62 7.94 19.31
C TRP B 158 14.42 7.02 19.22
N VAL B 159 13.51 7.04 20.18
CA VAL B 159 12.37 6.15 20.06
C VAL B 159 11.02 6.83 19.93
N MET B 160 10.27 6.38 18.92
CA MET B 160 8.93 6.88 18.67
C MET B 160 8.05 5.93 19.45
N LEU B 161 7.55 6.36 20.63
CA LEU B 161 6.69 5.50 21.44
C LEU B 161 5.27 5.59 20.88
N LEU B 162 4.69 4.44 20.55
CA LEU B 162 3.35 4.40 19.96
C LEU B 162 2.20 3.88 20.84
N ASP B 163 1.20 4.73 21.04
CA ASP B 163 0.02 4.38 21.82
C ASP B 163 -1.07 5.40 21.47
N PRO B 164 -2.08 4.98 20.70
CA PRO B 164 -3.20 5.81 20.27
C PRO B 164 -3.99 6.59 21.31
N MET B 165 -3.95 6.16 22.57
CA MET B 165 -4.70 6.88 23.59
C MET B 165 -3.93 7.13 24.88
N CYS B 166 -4.30 8.20 25.57
CA CYS B 166 -3.66 8.56 26.84
C CYS B 166 -4.70 9.12 27.81
N ALA B 167 -5.25 8.23 28.65
CA ALA B 167 -6.27 8.62 29.62
C ALA B 167 -5.65 9.04 30.95
N THR B 168 -5.08 8.08 31.68
CA THR B 168 -4.46 8.37 32.97
C THR B 168 -2.94 8.47 32.84
N ALA B 169 -2.39 7.86 31.79
CA ALA B 169 -0.95 7.85 31.50
C ALA B 169 -0.15 6.86 32.34
N GLY B 170 -0.85 5.91 32.95
CA GLY B 170 -0.18 4.90 33.76
C GLY B 170 0.60 3.93 32.89
N SER B 171 -0.03 3.50 31.81
CA SER B 171 0.58 2.56 30.87
C SER B 171 1.84 3.14 30.25
N VAL B 172 1.70 4.30 29.61
CA VAL B 172 2.83 4.94 28.96
C VAL B 172 3.95 5.28 29.94
N CYS B 173 3.59 5.82 31.11
CA CYS B 173 4.60 6.15 32.11
C CYS B 173 5.34 4.89 32.52
N LYS B 174 4.65 3.76 32.45
CA LYS B 174 5.25 2.48 32.81
C LYS B 174 6.20 2.04 31.69
N ALA B 175 5.82 2.30 30.44
CA ALA B 175 6.65 1.94 29.29
C ALA B 175 7.94 2.75 29.27
N ILE B 176 7.82 4.05 29.54
CA ILE B 176 8.99 4.94 29.57
C ILE B 176 9.93 4.54 30.67
N GLU B 177 9.37 4.13 31.81
CA GLU B 177 10.17 3.70 32.95
C GLU B 177 11.11 2.58 32.52
N VAL B 178 10.54 1.52 31.97
CA VAL B 178 11.33 0.38 31.51
C VAL B 178 12.30 0.78 30.41
N LEU B 179 11.94 1.78 29.61
CA LEU B 179 12.83 2.25 28.55
C LEU B 179 14.05 2.94 29.19
N LEU B 180 13.79 3.76 30.20
CA LEU B 180 14.86 4.47 30.88
C LEU B 180 15.76 3.50 31.63
N ARG B 181 15.17 2.48 32.26
CA ARG B 181 15.97 1.51 32.99
C ARG B 181 16.85 0.74 32.01
N LEU B 182 16.50 0.79 30.73
CA LEU B 182 17.27 0.11 29.70
C LEU B 182 18.38 0.98 29.11
N GLY B 183 18.34 2.29 29.38
CA GLY B 183 19.39 3.15 28.87
C GLY B 183 18.99 4.31 27.96
N VAL B 184 17.88 4.19 27.25
CA VAL B 184 17.46 5.26 26.36
C VAL B 184 17.31 6.60 27.10
N LYS B 185 17.82 7.67 26.49
CA LYS B 185 17.76 9.00 27.08
C LYS B 185 16.33 9.50 27.05
N GLU B 186 15.92 10.15 28.14
CA GLU B 186 14.56 10.67 28.24
C GLU B 186 14.22 11.64 27.13
N GLU B 187 15.16 12.52 26.80
CA GLU B 187 14.93 13.53 25.77
C GLU B 187 14.84 12.99 24.34
N ARG B 188 15.13 11.70 24.16
CA ARG B 188 15.07 11.05 22.85
C ARG B 188 13.78 10.25 22.65
N ILE B 189 12.78 10.52 23.49
CA ILE B 189 11.52 9.82 23.39
C ILE B 189 10.42 10.71 22.85
N ILE B 190 9.90 10.35 21.67
CA ILE B 190 8.82 11.11 21.08
C ILE B 190 7.58 10.24 21.23
N PHE B 191 6.67 10.67 22.09
CA PHE B 191 5.44 9.95 22.33
C PHE B 191 4.43 10.36 21.25
N VAL B 192 4.16 9.46 20.31
CA VAL B 192 3.19 9.73 19.25
C VAL B 192 1.84 9.19 19.70
N ASN B 193 0.86 10.08 19.76
CA ASN B 193 -0.47 9.73 20.23
C ASN B 193 -1.58 10.33 19.36
N ILE B 194 -2.73 9.67 19.34
CA ILE B 194 -3.89 10.15 18.55
C ILE B 194 -4.83 11.01 19.41
N LEU B 195 -5.20 10.49 20.57
CA LEU B 195 -6.11 11.17 21.47
C LEU B 195 -5.54 11.20 22.87
N ALA B 196 -5.79 12.27 23.61
CA ALA B 196 -5.28 12.38 24.98
C ALA B 196 -6.20 13.18 25.88
N ALA B 197 -6.02 12.99 27.19
CA ALA B 197 -6.79 13.70 28.18
C ALA B 197 -5.85 14.60 28.95
N PRO B 198 -6.34 15.76 29.42
CA PRO B 198 -5.56 16.73 30.16
C PRO B 198 -4.81 16.08 31.33
N GLN B 199 -5.48 15.13 32.00
CA GLN B 199 -4.88 14.43 33.12
C GLN B 199 -3.62 13.71 32.65
N GLY B 200 -3.78 12.90 31.61
CA GLY B 200 -2.67 12.14 31.06
C GLY B 200 -1.47 12.97 30.71
N ILE B 201 -1.71 14.04 29.95
CA ILE B 201 -0.64 14.95 29.55
C ILE B 201 0.13 15.45 30.77
N GLU B 202 -0.61 15.81 31.81
CA GLU B 202 0.01 16.31 33.03
C GLU B 202 0.91 15.27 33.72
N ARG B 203 0.35 14.11 33.98
CA ARG B 203 1.10 13.05 34.63
C ARG B 203 2.38 12.71 33.89
N VAL B 204 2.25 12.54 32.58
CA VAL B 204 3.42 12.19 31.79
C VAL B 204 4.47 13.29 31.89
N PHE B 205 4.06 14.55 31.90
CA PHE B 205 5.05 15.62 31.98
C PHE B 205 5.52 15.94 33.38
N LYS B 206 4.73 15.52 34.38
CA LYS B 206 5.10 15.73 35.76
C LYS B 206 6.25 14.77 36.05
N GLU B 207 6.11 13.54 35.59
CA GLU B 207 7.13 12.51 35.82
C GLU B 207 8.29 12.52 34.83
N TYR B 208 8.00 12.72 33.55
CA TYR B 208 9.03 12.76 32.53
C TYR B 208 8.85 14.03 31.73
N PRO B 209 9.38 15.14 32.24
CA PRO B 209 9.29 16.46 31.62
C PRO B 209 10.07 16.67 30.31
N LYS B 210 11.07 15.83 30.03
CA LYS B 210 11.86 16.01 28.82
C LYS B 210 11.41 15.22 27.58
N VAL B 211 10.34 14.45 27.69
CA VAL B 211 9.85 13.69 26.53
C VAL B 211 9.03 14.62 25.65
N ARG B 212 8.96 14.29 24.37
CA ARG B 212 8.21 15.08 23.40
C ARG B 212 6.90 14.34 23.14
N MET B 213 5.79 15.06 23.05
CA MET B 213 4.52 14.44 22.78
C MET B 213 3.82 15.05 21.58
N VAL B 214 3.50 14.21 20.60
CA VAL B 214 2.83 14.66 19.40
C VAL B 214 1.44 14.02 19.40
N THR B 215 0.40 14.81 19.20
CA THR B 215 -0.94 14.26 19.22
C THR B 215 -1.87 14.98 18.27
N ALA B 216 -2.98 14.33 17.92
CA ALA B 216 -3.97 14.91 17.03
C ALA B 216 -5.14 15.56 17.77
N ALA B 217 -5.31 15.24 19.04
CA ALA B 217 -6.42 15.82 19.80
C ALA B 217 -6.37 15.56 21.30
N VAL B 218 -6.95 16.47 22.07
CA VAL B 218 -7.00 16.34 23.51
C VAL B 218 -8.43 16.58 23.94
N ASP B 219 -9.08 15.54 24.48
CA ASP B 219 -10.46 15.67 24.91
C ASP B 219 -10.68 16.39 26.24
N ILE B 220 -11.94 16.49 26.64
CA ILE B 220 -12.33 17.19 27.85
C ILE B 220 -11.83 16.62 29.17
N CYS B 221 -12.24 15.39 29.46
CA CYS B 221 -11.87 14.75 30.72
C CYS B 221 -11.96 13.24 30.62
N LEU B 222 -11.86 12.58 31.77
CA LEU B 222 -11.96 11.14 31.83
C LEU B 222 -13.31 10.75 32.41
N ASN B 223 -13.83 9.63 31.92
CA ASN B 223 -15.10 9.09 32.35
C ASN B 223 -14.94 8.50 33.75
N SER B 224 -16.07 8.26 34.42
CA SER B 224 -16.02 7.69 35.76
C SER B 224 -15.39 6.30 35.69
N ARG B 225 -15.39 5.72 34.49
CA ARG B 225 -14.82 4.40 34.26
C ARG B 225 -13.41 4.54 33.67
N TYR B 226 -12.87 5.76 33.71
CA TYR B 226 -11.54 6.06 33.20
C TYR B 226 -11.40 6.07 31.67
N TYR B 227 -12.47 6.43 30.98
CA TYR B 227 -12.47 6.53 29.52
C TYR B 227 -12.36 7.99 29.10
N ILE B 228 -11.63 8.25 28.02
CA ILE B 228 -11.47 9.61 27.51
C ILE B 228 -12.81 10.01 26.91
N VAL B 229 -13.31 11.19 27.26
CA VAL B 229 -14.59 11.68 26.73
C VAL B 229 -14.49 13.08 26.15
N PRO B 230 -15.27 13.37 25.08
CA PRO B 230 -16.22 12.46 24.42
C PRO B 230 -15.61 11.11 23.97
N GLY B 231 -14.31 11.12 23.72
CA GLY B 231 -13.58 9.91 23.36
C GLY B 231 -13.85 9.21 22.05
N ILE B 232 -13.51 7.92 22.05
CA ILE B 232 -13.66 7.07 20.87
C ILE B 232 -14.08 5.66 21.28
N GLY B 233 -13.79 5.29 22.53
CA GLY B 233 -14.10 3.95 23.02
C GLY B 233 -12.79 3.21 23.15
N ASP B 234 -12.78 1.89 23.05
CA ASP B 234 -11.51 1.18 23.15
C ASP B 234 -10.95 1.07 21.73
N PHE B 235 -9.90 1.85 21.47
CA PHE B 235 -9.27 1.91 20.16
C PHE B 235 -8.76 0.57 19.63
N GLY B 236 -8.12 -0.22 20.49
CA GLY B 236 -7.61 -1.51 20.08
C GLY B 236 -8.70 -2.50 19.71
N ASP B 237 -9.82 -2.45 20.41
CA ASP B 237 -10.93 -3.35 20.13
C ASP B 237 -11.61 -2.97 18.83
N ARG B 238 -11.74 -1.67 18.58
CA ARG B 238 -12.39 -1.20 17.35
C ARG B 238 -11.45 -1.35 16.18
N TYR B 239 -10.15 -1.36 16.46
CA TYR B 239 -9.20 -1.48 15.39
C TYR B 239 -9.05 -2.92 14.94
N PHE B 240 -8.68 -3.80 15.86
CA PHE B 240 -8.48 -5.21 15.54
C PHE B 240 -9.76 -6.03 15.51
N GLY B 241 -10.91 -5.38 15.66
CA GLY B 241 -12.17 -6.08 15.63
C GLY B 241 -12.44 -7.11 16.72
N THR B 242 -12.03 -6.83 17.96
CA THR B 242 -12.28 -7.74 19.07
C THR B 242 -13.09 -7.05 20.14
N MET B 243 -14.35 -6.79 19.85
CA MET B 243 -15.24 -6.11 20.78
C MET B 243 -16.66 -6.62 20.68
N LEU C 9 4.25 31.43 4.06
CA LEU C 9 5.36 32.37 3.72
C LEU C 9 6.49 32.28 4.75
N LEU C 10 6.39 31.31 5.66
CA LEU C 10 7.41 31.12 6.68
C LEU C 10 8.24 29.87 6.44
N VAL C 11 9.52 29.96 6.80
CA VAL C 11 10.46 28.86 6.62
C VAL C 11 10.94 28.25 7.94
N ASP C 12 11.19 26.94 7.94
CA ASP C 12 11.66 26.20 9.11
C ASP C 12 13.14 26.48 9.39
N PRO C 13 13.50 26.74 10.66
CA PRO C 13 14.87 27.04 11.10
C PRO C 13 15.93 25.98 10.84
N ARG C 14 15.59 24.70 11.04
CA ARG C 14 16.52 23.59 10.84
C ARG C 14 17.46 23.80 9.65
N TYR C 15 16.85 24.05 8.50
CA TYR C 15 17.62 24.21 7.26
C TYR C 15 17.89 25.65 6.84
N SER C 16 18.88 25.80 5.97
CA SER C 16 19.26 27.10 5.44
C SER C 16 18.42 27.30 4.18
N THR C 17 17.94 28.53 3.97
CA THR C 17 17.13 28.82 2.80
C THR C 17 17.97 29.22 1.59
N ASN C 18 17.34 29.19 0.42
CA ASN C 18 18.00 29.57 -0.82
C ASN C 18 17.87 31.09 -0.95
N ASP C 19 18.71 31.69 -1.78
CA ASP C 19 18.69 33.15 -1.97
C ASP C 19 17.32 33.72 -2.34
N GLN C 20 16.78 34.54 -1.45
CA GLN C 20 15.49 35.21 -1.64
C GLN C 20 14.27 34.29 -1.57
N GLU C 21 14.41 33.11 -0.98
CA GLU C 21 13.27 32.20 -0.89
C GLU C 21 12.21 32.74 0.05
N GLU C 22 12.64 33.20 1.22
CA GLU C 22 11.73 33.77 2.19
C GLU C 22 11.04 34.96 1.52
N SER C 23 11.80 35.65 0.69
CA SER C 23 11.29 36.82 -0.03
C SER C 23 10.22 36.42 -1.05
N ILE C 24 10.60 35.60 -2.02
CA ILE C 24 9.68 35.14 -3.07
C ILE C 24 8.43 34.49 -2.49
N LEU C 25 8.62 33.68 -1.46
CA LEU C 25 7.52 32.98 -0.81
C LEU C 25 6.45 33.92 -0.25
N GLN C 26 6.86 34.93 0.50
CA GLN C 26 5.90 35.87 1.08
C GLN C 26 5.19 36.67 0.00
N ASP C 27 5.95 37.08 -1.01
CA ASP C 27 5.45 37.85 -2.15
C ASP C 27 4.29 37.10 -2.82
N ILE C 28 4.50 35.81 -3.07
CA ILE C 28 3.47 34.98 -3.68
C ILE C 28 2.27 34.87 -2.76
N ILE C 29 2.53 34.64 -1.46
CA ILE C 29 1.48 34.51 -0.47
C ILE C 29 0.58 35.74 -0.42
N THR C 30 1.16 36.92 -0.24
CA THR C 30 0.36 38.13 -0.17
C THR C 30 -0.26 38.57 -1.48
N ARG C 31 0.46 38.39 -2.57
CA ARG C 31 -0.04 38.79 -3.88
C ARG C 31 -1.18 37.93 -4.41
N PHE C 32 -1.19 36.64 -4.08
CA PHE C 32 -2.23 35.72 -4.55
C PHE C 32 -2.94 35.02 -3.39
N PRO C 33 -4.16 35.48 -3.08
CA PRO C 33 -5.00 34.93 -2.01
C PRO C 33 -5.36 33.47 -2.20
N ASN C 34 -5.45 33.05 -3.45
CA ASN C 34 -5.86 31.68 -3.73
C ASN C 34 -4.80 30.59 -3.80
N VAL C 35 -3.54 30.90 -3.51
CA VAL C 35 -2.56 29.84 -3.52
C VAL C 35 -2.31 29.45 -2.07
N VAL C 36 -2.02 28.17 -1.83
CA VAL C 36 -1.75 27.72 -0.48
C VAL C 36 -0.44 26.93 -0.48
N LEU C 37 0.52 27.42 0.30
CA LEU C 37 1.83 26.80 0.40
C LEU C 37 1.87 25.80 1.55
N MET C 38 2.28 24.56 1.28
CA MET C 38 2.36 23.60 2.36
C MET C 38 3.30 24.18 3.39
N LYS C 39 3.08 23.85 4.67
CA LYS C 39 3.94 24.33 5.72
C LYS C 39 5.37 23.87 5.40
N GLN C 40 6.32 24.81 5.39
CA GLN C 40 7.70 24.48 5.08
C GLN C 40 8.45 23.84 6.25
N THR C 41 8.19 22.56 6.49
CA THR C 41 8.84 21.85 7.59
C THR C 41 10.17 21.22 7.17
N ALA C 42 10.96 20.82 8.17
CA ALA C 42 12.24 20.19 7.88
C ALA C 42 11.99 18.87 7.15
N GLN C 43 10.90 18.19 7.52
CA GLN C 43 10.54 16.92 6.90
C GLN C 43 10.28 17.12 5.42
N LEU C 44 9.47 18.13 5.11
CA LEU C 44 9.14 18.41 3.72
C LEU C 44 10.42 18.71 2.96
N ARG C 45 11.32 19.44 3.61
CA ARG C 45 12.58 19.82 3.00
C ARG C 45 13.46 18.60 2.75
N ALA C 46 13.49 17.68 3.69
CA ALA C 46 14.30 16.47 3.57
C ALA C 46 13.84 15.69 2.35
N MET C 47 12.54 15.73 2.07
CA MET C 47 12.01 15.01 0.92
C MET C 47 12.37 15.73 -0.38
N MET C 48 12.26 17.06 -0.38
CA MET C 48 12.61 17.83 -1.57
C MET C 48 14.09 17.65 -1.87
N THR C 49 14.88 17.41 -0.84
CA THR C 49 16.31 17.22 -1.03
C THR C 49 16.60 15.91 -1.75
N ILE C 50 15.86 14.86 -1.41
CA ILE C 50 16.06 13.57 -2.06
C ILE C 50 15.67 13.65 -3.53
N ILE C 51 14.45 14.08 -3.79
CA ILE C 51 13.96 14.13 -5.16
C ILE C 51 14.55 15.20 -6.07
N ARG C 52 15.24 16.20 -5.52
CA ARG C 52 15.84 17.25 -6.34
C ARG C 52 17.29 16.88 -6.68
N ASP C 53 17.88 16.05 -5.85
CA ASP C 53 19.27 15.63 -6.06
C ASP C 53 19.38 14.77 -7.32
N LYS C 54 20.09 15.29 -8.32
CA LYS C 54 20.30 14.59 -9.60
C LYS C 54 20.93 13.21 -9.39
N GLU C 55 21.49 13.01 -8.21
CA GLU C 55 22.16 11.77 -7.83
C GLU C 55 21.25 10.64 -7.34
N THR C 56 20.07 10.98 -6.84
CA THR C 56 19.16 9.98 -6.31
C THR C 56 18.67 8.97 -7.34
N PRO C 57 18.72 7.66 -6.99
CA PRO C 57 18.31 6.53 -7.81
C PRO C 57 16.81 6.58 -8.10
N LYS C 58 16.35 5.89 -9.14
CA LYS C 58 14.95 5.93 -9.47
C LYS C 58 13.98 5.33 -8.44
N GLU C 59 14.39 4.28 -7.73
CA GLU C 59 13.52 3.70 -6.71
C GLU C 59 13.31 4.73 -5.61
N GLU C 60 14.41 5.38 -5.21
CA GLU C 60 14.37 6.40 -4.16
C GLU C 60 13.57 7.62 -4.62
N PHE C 61 13.72 8.01 -5.87
CA PHE C 61 12.97 9.16 -6.37
C PHE C 61 11.46 8.93 -6.30
N VAL C 62 10.98 7.78 -6.79
CA VAL C 62 9.54 7.52 -6.77
C VAL C 62 8.99 7.31 -5.36
N PHE C 63 9.80 6.72 -4.48
CA PHE C 63 9.35 6.49 -3.12
C PHE C 63 9.05 7.79 -2.40
N TYR C 64 10.03 8.69 -2.40
CA TYR C 64 9.86 9.98 -1.75
C TYR C 64 8.87 10.86 -2.49
N ALA C 65 8.83 10.73 -3.82
CA ALA C 65 7.88 11.51 -4.57
C ALA C 65 6.51 11.06 -4.08
N ASP C 66 6.25 9.76 -4.15
CA ASP C 66 4.97 9.21 -3.68
C ASP C 66 4.66 9.66 -2.27
N ARG C 67 5.69 9.67 -1.43
CA ARG C 67 5.52 10.07 -0.05
C ARG C 67 5.05 11.53 0.03
N LEU C 68 5.76 12.42 -0.66
CA LEU C 68 5.42 13.83 -0.67
C LEU C 68 4.02 14.06 -1.26
N ILE C 69 3.68 13.30 -2.29
CA ILE C 69 2.37 13.40 -2.93
C ILE C 69 1.23 13.17 -1.94
N ARG C 70 1.41 12.20 -1.03
CA ARG C 70 0.41 11.89 -0.02
C ARG C 70 0.07 13.15 0.79
N LEU C 71 1.11 13.75 1.37
CA LEU C 71 0.93 14.96 2.17
C LEU C 71 0.33 16.10 1.35
N LEU C 72 0.75 16.24 0.09
CA LEU C 72 0.26 17.32 -0.75
C LEU C 72 -1.21 17.11 -1.11
N ILE C 73 -1.63 15.87 -1.30
CA ILE C 73 -3.03 15.55 -1.61
C ILE C 73 -3.93 15.84 -0.40
N GLU C 74 -3.49 15.43 0.78
CA GLU C 74 -4.25 15.65 2.00
C GLU C 74 -4.43 17.15 2.22
N GLU C 75 -3.39 17.91 1.89
CA GLU C 75 -3.38 19.37 2.01
C GLU C 75 -4.41 19.96 1.07
N ALA C 76 -4.40 19.49 -0.18
CA ALA C 76 -5.32 19.98 -1.19
C ALA C 76 -6.77 19.61 -0.89
N LEU C 77 -7.00 18.40 -0.42
CA LEU C 77 -8.36 17.99 -0.11
C LEU C 77 -9.01 18.91 0.93
N ASN C 78 -8.17 19.63 1.67
CA ASN C 78 -8.65 20.54 2.70
C ASN C 78 -9.35 21.76 2.10
N GLU C 79 -9.11 22.04 0.82
CA GLU C 79 -9.73 23.19 0.17
C GLU C 79 -11.15 22.93 -0.30
N LEU C 80 -11.70 21.79 0.06
CA LEU C 80 -13.07 21.42 -0.33
C LEU C 80 -14.08 21.94 0.70
N PRO C 81 -15.36 22.06 0.29
CA PRO C 81 -16.41 22.55 1.21
C PRO C 81 -16.67 21.52 2.32
N PHE C 82 -17.20 21.96 3.45
CA PHE C 82 -17.48 21.07 4.58
C PHE C 82 -18.79 21.42 5.29
N GLN C 83 -19.48 20.39 5.77
CA GLN C 83 -20.72 20.59 6.49
C GLN C 83 -20.53 20.16 7.92
N LYS C 84 -21.21 20.82 8.84
CA LYS C 84 -21.10 20.45 10.25
C LYS C 84 -21.85 19.13 10.40
N LYS C 85 -21.35 18.28 11.28
CA LYS C 85 -21.98 17.00 11.52
C LYS C 85 -21.74 16.59 12.96
N GLU C 86 -22.82 16.25 13.64
CA GLU C 86 -22.71 15.83 15.03
C GLU C 86 -22.86 14.32 15.05
N VAL C 87 -21.93 13.66 15.75
CA VAL C 87 -22.01 12.22 15.87
C VAL C 87 -22.01 11.90 17.34
N THR C 88 -22.21 10.63 17.66
CA THR C 88 -22.20 10.23 19.05
C THR C 88 -21.13 9.15 19.23
N THR C 89 -20.33 9.34 20.27
CA THR C 89 -19.22 8.46 20.64
C THR C 89 -19.70 7.15 21.26
N PRO C 90 -18.82 6.14 21.35
CA PRO C 90 -19.26 4.88 21.96
C PRO C 90 -19.57 5.12 23.45
N LEU C 91 -19.16 6.30 23.94
CA LEU C 91 -19.39 6.71 25.32
C LEU C 91 -20.71 7.48 25.38
N ASP C 92 -21.52 7.34 24.32
CA ASP C 92 -22.80 8.01 24.21
C ASP C 92 -22.76 9.50 24.54
N VAL C 93 -21.72 10.18 24.06
CA VAL C 93 -21.57 11.61 24.26
C VAL C 93 -21.33 12.18 22.87
N SER C 94 -22.08 13.22 22.50
CA SER C 94 -21.94 13.80 21.17
C SER C 94 -20.60 14.51 20.94
N TYR C 95 -20.19 14.48 19.68
CA TYR C 95 -18.94 15.10 19.24
C TYR C 95 -19.29 15.90 17.99
N HIS C 96 -18.83 17.14 17.95
CA HIS C 96 -19.12 17.99 16.80
C HIS C 96 -18.01 17.97 15.77
N GLY C 97 -18.27 17.29 14.65
CA GLY C 97 -17.31 17.19 13.58
C GLY C 97 -17.84 17.80 12.29
N VAL C 98 -17.32 17.36 11.16
CA VAL C 98 -17.76 17.87 9.85
C VAL C 98 -17.54 16.86 8.74
N SER C 99 -18.59 16.53 8.00
CA SER C 99 -18.46 15.57 6.90
C SER C 99 -17.96 16.28 5.63
N PHE C 100 -17.21 15.59 4.77
CA PHE C 100 -16.71 16.25 3.56
C PHE C 100 -17.60 16.25 2.32
N TYR C 101 -17.13 16.97 1.31
CA TYR C 101 -17.84 17.14 0.04
C TYR C 101 -18.19 15.83 -0.66
N SER C 102 -19.38 15.80 -1.25
CA SER C 102 -19.87 14.60 -1.90
C SER C 102 -19.54 14.34 -3.38
N LYS C 103 -19.13 15.35 -4.14
CA LYS C 103 -18.84 15.12 -5.56
C LYS C 103 -17.56 15.74 -6.11
N ILE C 104 -16.52 14.92 -6.21
CA ILE C 104 -15.23 15.38 -6.72
C ILE C 104 -14.71 14.42 -7.79
N CYS C 105 -13.48 14.64 -8.21
CA CYS C 105 -12.83 13.78 -9.20
C CYS C 105 -11.44 14.35 -9.47
N GLY C 106 -10.55 13.50 -9.95
CA GLY C 106 -9.22 13.97 -10.23
C GLY C 106 -9.08 14.06 -11.73
N VAL C 107 -8.15 14.89 -12.19
CA VAL C 107 -7.89 15.06 -13.61
C VAL C 107 -6.39 15.28 -13.72
N SER C 108 -5.72 14.34 -14.36
CA SER C 108 -4.28 14.44 -14.51
C SER C 108 -3.85 14.83 -15.91
N ILE C 109 -2.83 15.68 -15.99
CA ILE C 109 -2.32 16.09 -17.29
C ILE C 109 -1.34 14.97 -17.65
N VAL C 110 -1.71 14.21 -18.67
CA VAL C 110 -0.95 13.06 -19.11
C VAL C 110 0.55 13.06 -18.96
N ARG C 111 0.93 11.99 -18.28
CA ARG C 111 2.25 11.58 -17.87
C ARG C 111 2.63 12.20 -16.55
N ALA C 112 3.35 13.32 -16.55
CA ALA C 112 3.74 13.89 -15.25
C ALA C 112 2.60 13.84 -14.23
N GLY C 113 1.43 14.37 -14.60
CA GLY C 113 0.30 14.39 -13.68
C GLY C 113 -0.18 13.03 -13.22
N GLU C 114 0.12 12.00 -14.01
CA GLU C 114 -0.28 10.64 -13.68
C GLU C 114 0.41 10.05 -12.45
N SER C 115 1.58 10.59 -12.11
CA SER C 115 2.31 10.13 -10.93
C SER C 115 1.52 10.45 -9.65
N MET C 116 0.58 11.37 -9.76
CA MET C 116 -0.23 11.78 -8.61
C MET C 116 -1.53 11.00 -8.45
N GLU C 117 -1.99 10.37 -9.53
CA GLU C 117 -3.23 9.58 -9.49
C GLU C 117 -3.23 8.57 -8.36
N SER C 118 -2.11 7.90 -8.16
CA SER C 118 -1.99 6.88 -7.13
C SER C 118 -2.19 7.47 -5.73
N GLY C 119 -1.54 8.59 -5.44
CA GLY C 119 -1.68 9.19 -4.13
C GLY C 119 -3.13 9.58 -3.87
N LEU C 120 -3.84 9.94 -4.94
CA LEU C 120 -5.24 10.35 -4.81
C LEU C 120 -6.18 9.16 -4.67
N ARG C 121 -5.82 8.03 -5.29
CA ARG C 121 -6.65 6.83 -5.22
C ARG C 121 -6.45 6.14 -3.88
N ALA C 122 -5.32 6.46 -3.25
CA ALA C 122 -5.01 5.86 -1.96
C ALA C 122 -5.87 6.44 -0.84
N VAL C 123 -6.09 7.75 -0.85
CA VAL C 123 -6.90 8.37 0.20
C VAL C 123 -8.38 8.41 -0.13
N CYS C 124 -8.70 8.48 -1.42
CA CYS C 124 -10.10 8.49 -1.85
C CYS C 124 -10.29 7.23 -2.69
N ARG C 125 -10.67 6.13 -2.05
CA ARG C 125 -10.86 4.88 -2.79
C ARG C 125 -11.84 5.04 -3.95
N GLY C 126 -11.44 4.60 -5.13
CA GLY C 126 -12.30 4.68 -6.30
C GLY C 126 -12.66 6.03 -6.90
N VAL C 127 -11.88 7.08 -6.62
CA VAL C 127 -12.20 8.40 -7.17
C VAL C 127 -12.20 8.27 -8.67
N ARG C 128 -13.05 9.05 -9.32
CA ARG C 128 -13.07 9.04 -10.76
C ARG C 128 -11.81 9.78 -11.22
N ILE C 129 -11.16 9.29 -12.27
CA ILE C 129 -9.95 9.95 -12.78
C ILE C 129 -10.08 10.32 -14.25
N GLY C 130 -9.86 11.60 -14.56
CA GLY C 130 -9.92 12.05 -15.92
C GLY C 130 -8.48 12.14 -16.43
N LYS C 131 -8.31 12.31 -17.73
CA LYS C 131 -6.97 12.42 -18.31
C LYS C 131 -6.97 13.38 -19.49
N ILE C 132 -5.96 14.25 -19.54
CA ILE C 132 -5.82 15.21 -20.63
C ILE C 132 -4.39 15.15 -21.16
N LEU C 133 -4.23 14.96 -22.46
CA LEU C 133 -2.89 14.91 -23.02
C LEU C 133 -2.67 16.16 -23.86
N ILE C 134 -1.78 17.04 -23.38
CA ILE C 134 -1.48 18.28 -24.09
C ILE C 134 -0.09 18.17 -24.70
N GLN C 135 0.06 18.69 -25.91
CA GLN C 135 1.33 18.64 -26.63
C GLN C 135 1.60 19.99 -27.31
N ARG C 136 2.73 20.61 -27.03
CA ARG C 136 3.03 21.89 -27.65
C ARG C 136 3.43 21.74 -29.11
N ASP C 137 3.25 22.80 -29.90
CA ASP C 137 3.60 22.79 -31.31
C ASP C 137 5.07 23.17 -31.47
N GLU C 138 5.80 22.41 -32.28
CA GLU C 138 7.22 22.65 -32.51
C GLU C 138 7.54 24.10 -32.91
N THR C 139 6.69 24.68 -33.75
CA THR C 139 6.88 26.05 -34.23
C THR C 139 6.15 27.06 -33.34
N THR C 140 4.81 27.01 -33.38
CA THR C 140 3.97 27.91 -32.60
C THR C 140 4.23 27.78 -31.11
N ALA C 141 4.44 26.55 -30.66
CA ALA C 141 4.69 26.26 -29.25
C ALA C 141 3.36 26.35 -28.51
N GLU C 142 2.29 26.62 -29.26
CA GLU C 142 0.95 26.74 -28.68
C GLU C 142 0.43 25.39 -28.23
N PRO C 143 0.11 25.25 -26.93
CA PRO C 143 -0.41 23.99 -26.38
C PRO C 143 -1.66 23.52 -27.12
N LYS C 144 -1.65 22.24 -27.50
CA LYS C 144 -2.75 21.65 -28.23
C LYS C 144 -3.27 20.39 -27.52
N LEU C 145 -4.59 20.23 -27.55
CA LEU C 145 -5.25 19.08 -26.95
C LEU C 145 -5.05 17.88 -27.88
N ILE C 146 -4.41 16.83 -27.38
CA ILE C 146 -4.15 15.64 -28.17
C ILE C 146 -5.08 14.49 -27.84
N TYR C 147 -5.45 14.40 -26.56
CA TYR C 147 -6.32 13.34 -26.10
C TYR C 147 -6.93 13.71 -24.75
N GLU C 148 -8.20 13.35 -24.56
CA GLU C 148 -8.87 13.64 -23.32
C GLU C 148 -9.97 12.63 -23.07
N LYS C 149 -9.98 12.08 -21.87
CA LYS C 149 -11.00 11.12 -21.46
C LYS C 149 -11.42 11.59 -20.07
N LEU C 150 -12.64 12.11 -19.95
CA LEU C 150 -13.13 12.63 -18.69
C LEU C 150 -14.47 12.07 -18.24
N PRO C 151 -14.73 12.12 -16.92
CA PRO C 151 -16.00 11.62 -16.39
C PRO C 151 -17.11 12.33 -17.16
N ALA C 152 -18.27 11.70 -17.29
CA ALA C 152 -19.35 12.33 -18.03
C ALA C 152 -20.03 13.48 -17.30
N ASP C 153 -19.95 13.49 -15.97
CA ASP C 153 -20.61 14.52 -15.18
C ASP C 153 -19.63 15.51 -14.52
N ILE C 154 -18.47 15.69 -15.14
CA ILE C 154 -17.46 16.58 -14.61
C ILE C 154 -17.96 18.00 -14.38
N ARG C 155 -19.02 18.39 -15.08
CA ARG C 155 -19.57 19.73 -14.94
C ARG C 155 -20.16 20.00 -13.55
N GLU C 156 -20.60 18.96 -12.85
CA GLU C 156 -21.19 19.15 -11.53
C GLU C 156 -20.24 18.73 -10.43
N ARG C 157 -18.95 18.63 -10.77
CA ARG C 157 -17.97 18.21 -9.79
C ARG C 157 -16.87 19.23 -9.52
N TRP C 158 -16.14 18.95 -8.45
CA TRP C 158 -14.99 19.75 -8.05
C TRP C 158 -13.88 18.89 -8.65
N VAL C 159 -12.91 19.52 -9.28
CA VAL C 159 -11.85 18.74 -9.86
C VAL C 159 -10.50 19.11 -9.29
N MET C 160 -9.72 18.08 -9.02
CA MET C 160 -8.37 18.21 -8.51
C MET C 160 -7.51 18.06 -9.76
N LEU C 161 -7.06 19.19 -10.31
CA LEU C 161 -6.22 19.16 -11.50
C LEU C 161 -4.83 18.78 -11.02
N LEU C 162 -4.27 17.72 -11.61
CA LEU C 162 -2.96 17.22 -11.22
C LEU C 162 -1.82 17.44 -12.21
N ASP C 163 -0.78 18.15 -11.77
CA ASP C 163 0.39 18.42 -12.60
C ASP C 163 1.51 18.86 -11.68
N PRO C 164 2.48 17.97 -11.43
CA PRO C 164 3.60 18.28 -10.55
C PRO C 164 4.38 19.57 -10.82
N MET C 165 4.60 19.92 -12.08
CA MET C 165 5.34 21.14 -12.35
C MET C 165 4.55 22.21 -13.07
N CYS C 166 4.82 23.45 -12.72
CA CYS C 166 4.15 24.58 -13.35
C CYS C 166 5.22 25.60 -13.68
N ALA C 167 5.74 25.52 -14.91
CA ALA C 167 6.79 26.43 -15.36
C ALA C 167 6.20 27.65 -16.05
N THR C 168 5.77 27.47 -17.30
CA THR C 168 5.20 28.60 -18.04
C THR C 168 3.71 28.71 -17.77
N ALA C 169 3.12 27.61 -17.30
CA ALA C 169 1.70 27.52 -17.00
C ALA C 169 0.84 27.34 -18.24
N GLY C 170 1.52 27.25 -19.39
CA GLY C 170 0.81 27.07 -20.64
C GLY C 170 -0.06 25.83 -20.71
N SER C 171 0.51 24.68 -20.35
CA SER C 171 -0.25 23.42 -20.39
C SER C 171 -1.38 23.38 -19.37
N VAL C 172 -1.14 23.86 -18.15
CA VAL C 172 -2.19 23.84 -17.14
C VAL C 172 -3.34 24.78 -17.55
N CYS C 173 -2.98 25.90 -18.18
CA CYS C 173 -3.97 26.87 -18.63
C CYS C 173 -4.80 26.29 -19.75
N LYS C 174 -4.16 25.52 -20.61
CA LYS C 174 -4.83 24.87 -21.73
C LYS C 174 -5.81 23.86 -21.13
N ALA C 175 -5.40 23.20 -20.05
CA ALA C 175 -6.22 22.22 -19.36
C ALA C 175 -7.44 22.88 -18.70
N ILE C 176 -7.23 24.05 -18.09
CA ILE C 176 -8.33 24.77 -17.47
C ILE C 176 -9.33 25.17 -18.56
N GLU C 177 -8.81 25.62 -19.69
CA GLU C 177 -9.66 26.06 -20.79
C GLU C 177 -10.64 25.00 -21.27
N VAL C 178 -10.16 23.77 -21.46
CA VAL C 178 -11.07 22.71 -21.91
C VAL C 178 -12.08 22.36 -20.82
N LEU C 179 -11.63 22.25 -19.58
CA LEU C 179 -12.55 21.93 -18.50
C LEU C 179 -13.67 22.96 -18.51
N LEU C 180 -13.27 24.22 -18.57
CA LEU C 180 -14.20 25.33 -18.59
C LEU C 180 -15.23 25.20 -19.70
N ARG C 181 -14.77 24.83 -20.90
CA ARG C 181 -15.67 24.68 -22.03
C ARG C 181 -16.66 23.53 -21.81
N LEU C 182 -16.22 22.50 -21.10
CA LEU C 182 -17.10 21.36 -20.84
C LEU C 182 -18.15 21.68 -19.80
N GLY C 183 -17.94 22.75 -19.04
CA GLY C 183 -18.93 23.13 -18.05
C GLY C 183 -18.47 23.21 -16.60
N VAL C 184 -17.20 22.97 -16.35
CA VAL C 184 -16.71 23.04 -14.98
C VAL C 184 -16.69 24.50 -14.50
N LYS C 185 -17.12 24.73 -13.26
CA LYS C 185 -17.12 26.08 -12.70
C LYS C 185 -15.67 26.37 -12.37
N GLU C 186 -15.18 27.53 -12.80
CA GLU C 186 -13.80 27.87 -12.55
C GLU C 186 -13.39 27.84 -11.08
N GLU C 187 -14.27 28.27 -10.18
CA GLU C 187 -13.92 28.29 -8.76
C GLU C 187 -14.00 26.94 -8.06
N ARG C 188 -14.29 25.88 -8.82
CA ARG C 188 -14.37 24.53 -8.26
C ARG C 188 -13.15 23.72 -8.68
N ILE C 189 -12.18 24.39 -9.30
CA ILE C 189 -10.95 23.76 -9.75
C ILE C 189 -9.84 23.98 -8.73
N ILE C 190 -9.26 22.89 -8.25
CA ILE C 190 -8.16 22.96 -7.29
C ILE C 190 -6.95 22.36 -7.96
N PHE C 191 -5.98 23.21 -8.27
CA PHE C 191 -4.76 22.79 -8.95
C PHE C 191 -3.72 22.27 -7.95
N VAL C 192 -3.51 20.96 -7.93
CA VAL C 192 -2.51 20.40 -7.02
C VAL C 192 -1.19 20.42 -7.76
N ASN C 193 -0.18 21.00 -7.13
CA ASN C 193 1.11 21.14 -7.76
C ASN C 193 2.27 20.92 -6.77
N ILE C 194 3.35 20.31 -7.24
CA ILE C 194 4.50 20.07 -6.38
C ILE C 194 5.47 21.25 -6.39
N LEU C 195 5.91 21.63 -7.59
CA LEU C 195 6.89 22.71 -7.80
C LEU C 195 6.37 23.76 -8.79
N ALA C 196 6.54 25.04 -8.47
CA ALA C 196 6.07 26.09 -9.36
C ALA C 196 7.04 27.25 -9.54
N ALA C 197 6.86 27.98 -10.65
CA ALA C 197 7.68 29.14 -10.93
C ALA C 197 6.79 30.37 -10.77
N PRO C 198 7.32 31.44 -10.15
CA PRO C 198 6.56 32.68 -9.93
C PRO C 198 5.80 33.03 -11.19
N GLN C 199 6.51 32.96 -12.30
CA GLN C 199 5.98 33.24 -13.62
C GLN C 199 4.71 32.44 -13.92
N GLY C 200 4.76 31.13 -13.66
CA GLY C 200 3.62 30.28 -13.91
C GLY C 200 2.42 30.61 -13.03
N ILE C 201 2.71 30.94 -11.77
CA ILE C 201 1.66 31.29 -10.81
C ILE C 201 0.92 32.54 -11.28
N GLU C 202 1.68 33.56 -11.68
CA GLU C 202 1.06 34.80 -12.15
C GLU C 202 0.19 34.59 -13.38
N ARG C 203 0.68 33.78 -14.31
CA ARG C 203 -0.10 33.53 -15.52
C ARG C 203 -1.40 32.82 -15.19
N VAL C 204 -1.31 31.73 -14.45
CA VAL C 204 -2.51 30.98 -14.11
C VAL C 204 -3.57 31.87 -13.48
N PHE C 205 -3.16 32.73 -12.55
CA PHE C 205 -4.10 33.62 -11.88
C PHE C 205 -4.52 34.81 -12.70
N LYS C 206 -3.70 35.21 -13.66
CA LYS C 206 -4.06 36.33 -14.51
C LYS C 206 -5.22 35.88 -15.39
N GLU C 207 -5.16 34.63 -15.85
CA GLU C 207 -6.18 34.09 -16.72
C GLU C 207 -7.39 33.50 -16.02
N TYR C 208 -7.17 32.78 -14.94
CA TYR C 208 -8.26 32.17 -14.19
C TYR C 208 -8.00 32.46 -12.72
N PRO C 209 -8.40 33.66 -12.26
CA PRO C 209 -8.22 34.11 -10.88
C PRO C 209 -8.98 33.37 -9.80
N LYS C 210 -10.13 32.81 -10.14
CA LYS C 210 -10.94 32.11 -9.15
C LYS C 210 -10.50 30.69 -8.77
N VAL C 211 -9.55 30.11 -9.50
CA VAL C 211 -9.10 28.76 -9.16
C VAL C 211 -8.16 28.78 -7.97
N ARG C 212 -8.13 27.68 -7.21
CA ARG C 212 -7.23 27.59 -6.08
C ARG C 212 -6.05 26.72 -6.44
N MET C 213 -4.88 27.08 -5.91
CA MET C 213 -3.68 26.32 -6.18
C MET C 213 -2.93 25.94 -4.91
N VAL C 214 -2.64 24.65 -4.78
CA VAL C 214 -1.90 24.16 -3.64
C VAL C 214 -0.59 23.61 -4.18
N THR C 215 0.51 24.04 -3.57
CA THR C 215 1.83 23.61 -4.00
C THR C 215 2.77 23.43 -2.80
N ALA C 216 3.80 22.62 -2.98
CA ALA C 216 4.76 22.34 -1.93
C ALA C 216 5.93 23.30 -1.99
N ALA C 217 6.11 23.96 -3.14
CA ALA C 217 7.23 24.88 -3.28
C ALA C 217 7.12 25.84 -4.47
N VAL C 218 7.90 26.91 -4.40
CA VAL C 218 7.98 27.93 -5.46
C VAL C 218 9.46 28.25 -5.61
N ASP C 219 10.03 27.99 -6.78
CA ASP C 219 11.45 28.28 -7.01
C ASP C 219 11.63 29.70 -7.56
N ILE C 220 12.84 30.04 -8.00
CA ILE C 220 13.11 31.39 -8.49
C ILE C 220 12.80 31.70 -9.95
N CYS C 221 13.16 30.81 -10.87
CA CYS C 221 12.91 31.12 -12.29
C CYS C 221 12.87 29.95 -13.28
N LEU C 222 12.86 30.32 -14.56
CA LEU C 222 12.85 29.37 -15.66
C LEU C 222 14.12 29.63 -16.45
N ASN C 223 14.57 28.65 -17.22
CA ASN C 223 15.76 28.85 -18.02
C ASN C 223 15.31 28.92 -19.48
N SER C 224 16.26 28.98 -20.41
CA SER C 224 15.95 29.07 -21.83
C SER C 224 15.08 27.91 -22.31
N ARG C 225 15.29 26.74 -21.72
CA ARG C 225 14.53 25.55 -22.10
C ARG C 225 13.24 25.31 -21.31
N TYR C 226 12.87 26.28 -20.49
CA TYR C 226 11.64 26.24 -19.69
C TYR C 226 11.59 25.28 -18.51
N TYR C 227 12.73 25.11 -17.85
CA TYR C 227 12.80 24.26 -16.67
C TYR C 227 12.92 25.14 -15.44
N ILE C 228 12.16 24.80 -14.39
CA ILE C 228 12.24 25.57 -13.16
C ILE C 228 13.64 25.39 -12.56
N VAL C 229 14.16 26.45 -11.93
CA VAL C 229 15.47 26.42 -11.28
C VAL C 229 15.34 26.99 -9.87
N PRO C 230 16.04 26.37 -8.88
CA PRO C 230 16.90 25.19 -9.03
C PRO C 230 16.18 23.96 -9.59
N GLY C 231 14.86 24.02 -9.63
CA GLY C 231 14.06 22.95 -10.19
C GLY C 231 14.32 21.53 -9.73
N ILE C 232 13.84 20.60 -10.53
CA ILE C 232 13.96 19.18 -10.21
C ILE C 232 14.37 18.38 -11.46
N GLY C 233 14.31 19.03 -12.62
CA GLY C 233 14.64 18.37 -13.87
C GLY C 233 13.33 18.01 -14.54
N ASP C 234 13.28 16.93 -15.31
CA ASP C 234 12.03 16.53 -15.95
C ASP C 234 11.36 15.51 -15.03
N PHE C 235 10.33 15.94 -14.29
CA PHE C 235 9.64 15.07 -13.35
C PHE C 235 9.09 13.79 -14.00
N GLY C 236 8.44 13.94 -15.16
CA GLY C 236 7.89 12.80 -15.87
C GLY C 236 8.93 11.75 -16.23
N ASP C 237 10.06 12.18 -16.79
CA ASP C 237 11.11 11.25 -17.15
C ASP C 237 11.70 10.59 -15.91
N ARG C 238 11.97 11.39 -14.87
CA ARG C 238 12.56 10.87 -13.64
C ARG C 238 11.67 9.91 -12.89
N TYR C 239 10.37 10.18 -12.89
CA TYR C 239 9.44 9.33 -12.18
C TYR C 239 9.16 8.02 -12.92
N PHE C 240 8.86 8.10 -14.22
CA PHE C 240 8.55 6.90 -14.99
C PHE C 240 9.77 6.18 -15.53
N GLY C 241 10.95 6.76 -15.34
CA GLY C 241 12.18 6.14 -15.78
C GLY C 241 12.43 6.09 -17.28
N THR C 242 11.93 7.08 -18.01
CA THR C 242 12.15 7.15 -19.45
C THR C 242 13.18 8.22 -19.77
N MET C 243 14.18 8.35 -18.90
CA MET C 243 15.23 9.35 -19.08
C MET C 243 16.57 8.73 -19.43
N LEU D 9 5.75 -34.27 -8.01
CA LEU D 9 7.16 -33.82 -8.15
C LEU D 9 7.23 -32.63 -9.08
N LEU D 10 6.26 -31.73 -8.94
CA LEU D 10 6.20 -30.54 -9.77
C LEU D 10 7.00 -29.38 -9.18
N VAL D 11 8.32 -29.48 -9.32
CA VAL D 11 9.24 -28.47 -8.85
C VAL D 11 9.78 -27.82 -10.12
N ASP D 12 9.72 -26.49 -10.18
CA ASP D 12 10.19 -25.75 -11.34
C ASP D 12 11.56 -26.30 -11.78
N PRO D 13 11.68 -26.74 -13.05
CA PRO D 13 12.92 -27.29 -13.60
C PRO D 13 14.12 -26.33 -13.57
N ARG D 14 13.86 -25.06 -13.82
CA ARG D 14 14.90 -24.03 -13.86
C ARG D 14 15.89 -23.93 -12.70
N TYR D 15 15.56 -24.46 -11.53
CA TYR D 15 16.48 -24.41 -10.40
C TYR D 15 16.74 -25.80 -9.84
N SER D 16 17.80 -25.93 -9.06
CA SER D 16 18.15 -27.21 -8.45
C SER D 16 17.73 -27.23 -6.97
N THR D 17 16.88 -28.20 -6.63
CA THR D 17 16.38 -28.38 -5.27
C THR D 17 17.53 -28.70 -4.29
N ASN D 18 17.30 -28.44 -3.00
CA ASN D 18 18.30 -28.75 -1.97
C ASN D 18 18.50 -30.25 -1.97
N ASP D 19 19.64 -30.72 -1.48
CA ASP D 19 19.89 -32.15 -1.44
C ASP D 19 18.77 -32.82 -0.66
N GLN D 20 18.22 -33.87 -1.25
CA GLN D 20 17.13 -34.65 -0.67
C GLN D 20 15.88 -33.86 -0.32
N GLU D 21 15.59 -32.82 -1.10
CA GLU D 21 14.42 -32.01 -0.85
C GLU D 21 13.20 -32.61 -1.54
N GLU D 22 13.39 -33.11 -2.75
CA GLU D 22 12.29 -33.70 -3.50
C GLU D 22 11.76 -34.95 -2.82
N SER D 23 12.63 -35.61 -2.05
CA SER D 23 12.23 -36.81 -1.34
C SER D 23 11.29 -36.43 -0.20
N ILE D 24 11.74 -35.51 0.66
CA ILE D 24 10.97 -35.02 1.81
C ILE D 24 9.55 -34.62 1.38
N LEU D 25 9.48 -33.79 0.35
CA LEU D 25 8.23 -33.30 -0.21
C LEU D 25 7.28 -34.41 -0.63
N GLN D 26 7.82 -35.46 -1.23
CA GLN D 26 7.00 -36.58 -1.68
C GLN D 26 6.37 -37.25 -0.46
N ASP D 27 7.20 -37.47 0.54
CA ASP D 27 6.80 -38.09 1.80
C ASP D 27 5.59 -37.36 2.41
N ILE D 28 5.75 -36.05 2.65
CA ILE D 28 4.68 -35.24 3.24
C ILE D 28 3.41 -35.19 2.38
N ILE D 29 3.56 -35.00 1.08
CA ILE D 29 2.42 -34.95 0.18
C ILE D 29 1.67 -36.27 0.19
N THR D 30 2.41 -37.35 0.44
CA THR D 30 1.85 -38.70 0.48
C THR D 30 1.10 -39.00 1.79
N ARG D 31 1.78 -38.77 2.91
CA ARG D 31 1.22 -39.05 4.23
C ARG D 31 0.27 -38.01 4.84
N PHE D 32 0.39 -36.75 4.45
CA PHE D 32 -0.47 -35.71 5.01
C PHE D 32 -1.35 -35.01 4.00
N PRO D 33 -2.56 -35.56 3.77
CA PRO D 33 -3.59 -35.08 2.85
C PRO D 33 -4.04 -33.65 3.06
N ASN D 34 -3.87 -33.15 4.29
CA ASN D 34 -4.30 -31.81 4.63
C ASN D 34 -3.27 -30.71 4.52
N VAL D 35 -2.04 -31.04 4.13
CA VAL D 35 -1.06 -29.98 3.97
C VAL D 35 -1.18 -29.58 2.51
N VAL D 36 -1.06 -28.30 2.24
CA VAL D 36 -1.12 -27.80 0.88
C VAL D 36 0.10 -26.94 0.62
N LEU D 37 1.04 -27.50 -0.13
CA LEU D 37 2.28 -26.83 -0.50
C LEU D 37 1.94 -25.91 -1.65
N MET D 38 2.33 -24.63 -1.58
CA MET D 38 2.01 -23.78 -2.71
C MET D 38 2.99 -24.10 -3.83
N LYS D 39 2.59 -23.75 -5.07
CA LYS D 39 3.39 -24.03 -6.25
C LYS D 39 4.84 -23.58 -6.17
N GLN D 40 5.74 -24.55 -6.25
CA GLN D 40 7.17 -24.29 -6.19
C GLN D 40 7.67 -23.70 -7.49
N THR D 41 7.43 -22.41 -7.68
CA THR D 41 7.85 -21.70 -8.89
C THR D 41 9.24 -21.09 -8.73
N ALA D 42 9.86 -20.74 -9.84
CA ALA D 42 11.19 -20.14 -9.78
C ALA D 42 11.07 -18.78 -9.11
N GLN D 43 9.93 -18.14 -9.32
CA GLN D 43 9.65 -16.83 -8.72
C GLN D 43 9.67 -16.98 -7.20
N LEU D 44 9.00 -18.01 -6.70
CA LEU D 44 8.95 -18.27 -5.28
C LEU D 44 10.35 -18.52 -4.73
N ARG D 45 11.17 -19.29 -5.46
CA ARG D 45 12.54 -19.56 -4.99
C ARG D 45 13.32 -18.27 -4.93
N ALA D 46 13.17 -17.43 -5.95
CA ALA D 46 13.85 -16.15 -5.98
C ALA D 46 13.64 -15.43 -4.64
N MET D 47 12.39 -15.31 -4.22
CA MET D 47 12.06 -14.66 -2.95
C MET D 47 12.68 -15.39 -1.76
N MET D 48 12.48 -16.71 -1.69
CA MET D 48 13.06 -17.48 -0.61
C MET D 48 14.58 -17.28 -0.51
N THR D 49 15.30 -17.41 -1.63
CA THR D 49 16.75 -17.25 -1.55
C THR D 49 17.19 -15.88 -1.04
N ILE D 50 16.32 -14.88 -1.20
CA ILE D 50 16.62 -13.52 -0.72
C ILE D 50 16.45 -13.43 0.80
N ILE D 51 15.29 -13.82 1.29
CA ILE D 51 15.05 -13.75 2.73
C ILE D 51 15.85 -14.78 3.53
N ARG D 52 16.20 -15.91 2.91
CA ARG D 52 17.00 -16.93 3.62
C ARG D 52 18.48 -16.53 3.65
N ASP D 53 18.86 -15.61 2.76
CA ASP D 53 20.25 -15.15 2.70
C ASP D 53 20.56 -14.33 3.95
N LYS D 54 21.58 -14.74 4.70
CA LYS D 54 21.96 -14.04 5.92
C LYS D 54 22.64 -12.70 5.68
N GLU D 55 22.90 -12.39 4.41
CA GLU D 55 23.56 -11.14 4.03
C GLU D 55 22.54 -10.06 3.69
N THR D 56 21.30 -10.47 3.44
CA THR D 56 20.21 -9.55 3.10
C THR D 56 19.98 -8.49 4.17
N PRO D 57 19.79 -7.23 3.75
CA PRO D 57 19.54 -6.10 4.65
C PRO D 57 18.06 -6.03 5.08
N LYS D 58 17.80 -5.52 6.28
CA LYS D 58 16.43 -5.47 6.80
C LYS D 58 15.38 -4.90 5.87
N GLU D 59 15.68 -3.83 5.17
CA GLU D 59 14.71 -3.22 4.24
C GLU D 59 14.30 -4.23 3.18
N GLU D 60 15.27 -4.94 2.63
CA GLU D 60 15.02 -5.94 1.60
C GLU D 60 14.29 -7.16 2.19
N PHE D 61 14.70 -7.58 3.38
CA PHE D 61 14.09 -8.74 4.01
C PHE D 61 12.59 -8.55 4.21
N VAL D 62 12.16 -7.44 4.82
CA VAL D 62 10.73 -7.25 5.04
C VAL D 62 9.95 -7.02 3.75
N PHE D 63 10.56 -6.35 2.77
CA PHE D 63 9.87 -6.12 1.51
C PHE D 63 9.49 -7.42 0.81
N TYR D 64 10.44 -8.36 0.73
CA TYR D 64 10.18 -9.65 0.08
C TYR D 64 9.30 -10.59 0.90
N ALA D 65 9.50 -10.59 2.22
CA ALA D 65 8.69 -11.41 3.12
C ALA D 65 7.24 -10.95 2.96
N ASP D 66 7.04 -9.63 2.95
CA ASP D 66 5.70 -9.06 2.78
C ASP D 66 5.13 -9.53 1.46
N ARG D 67 6.00 -9.52 0.44
CA ARG D 67 5.61 -9.92 -0.90
C ARG D 67 5.19 -11.38 -0.96
N LEU D 68 6.01 -12.23 -0.37
CA LEU D 68 5.72 -13.66 -0.33
C LEU D 68 4.42 -13.93 0.43
N ILE D 69 4.33 -13.35 1.63
CA ILE D 69 3.16 -13.49 2.50
C ILE D 69 1.84 -13.20 1.76
N ARG D 70 1.88 -12.23 0.85
CA ARG D 70 0.70 -11.86 0.06
C ARG D 70 0.23 -13.07 -0.74
N LEU D 71 1.18 -13.69 -1.45
CA LEU D 71 0.92 -14.87 -2.26
C LEU D 71 0.48 -16.06 -1.41
N LEU D 72 1.07 -16.21 -0.23
CA LEU D 72 0.75 -17.31 0.66
C LEU D 72 -0.68 -17.19 1.20
N ILE D 73 -1.05 -15.96 1.55
CA ILE D 73 -2.38 -15.71 2.08
C ILE D 73 -3.49 -15.91 1.04
N GLU D 74 -3.22 -15.53 -0.21
CA GLU D 74 -4.21 -15.71 -1.27
C GLU D 74 -4.40 -17.20 -1.47
N GLU D 75 -3.30 -17.94 -1.38
CA GLU D 75 -3.30 -19.39 -1.53
C GLU D 75 -4.16 -20.02 -0.45
N ALA D 76 -3.89 -19.62 0.80
CA ALA D 76 -4.60 -20.11 1.97
C ALA D 76 -6.10 -19.82 1.95
N LEU D 77 -6.48 -18.69 1.37
CA LEU D 77 -7.89 -18.32 1.31
C LEU D 77 -8.70 -19.22 0.39
N ASN D 78 -8.02 -20.12 -0.32
CA ASN D 78 -8.67 -21.04 -1.24
C ASN D 78 -9.24 -22.22 -0.49
N GLU D 79 -8.76 -22.41 0.73
CA GLU D 79 -9.18 -23.51 1.56
C GLU D 79 -10.51 -23.24 2.25
N LEU D 80 -11.02 -22.04 2.08
CA LEU D 80 -12.29 -21.66 2.68
C LEU D 80 -13.43 -22.18 1.81
N PRO D 81 -14.64 -22.25 2.36
CA PRO D 81 -15.80 -22.74 1.61
C PRO D 81 -16.24 -21.68 0.58
N PHE D 82 -16.91 -22.12 -0.48
CA PHE D 82 -17.38 -21.20 -1.52
C PHE D 82 -18.79 -21.51 -1.97
N GLN D 83 -19.57 -20.46 -2.22
CA GLN D 83 -20.96 -20.63 -2.66
C GLN D 83 -21.13 -20.25 -4.13
N LYS D 84 -21.53 -21.20 -4.96
CA LYS D 84 -21.73 -20.91 -6.36
C LYS D 84 -22.61 -19.67 -6.44
N LYS D 85 -22.33 -18.81 -7.41
CA LYS D 85 -23.09 -17.58 -7.59
C LYS D 85 -23.15 -17.18 -9.06
N GLU D 86 -24.33 -16.75 -9.47
CA GLU D 86 -24.54 -16.35 -10.85
C GLU D 86 -24.72 -14.82 -10.90
N VAL D 87 -23.98 -14.17 -11.79
CA VAL D 87 -24.08 -12.72 -11.95
C VAL D 87 -24.22 -12.36 -13.41
N THR D 88 -24.91 -11.25 -13.69
CA THR D 88 -25.07 -10.81 -15.06
C THR D 88 -23.98 -9.79 -15.37
N THR D 89 -23.36 -9.96 -16.53
CA THR D 89 -22.27 -9.12 -16.98
C THR D 89 -22.78 -7.85 -17.67
N PRO D 90 -21.91 -6.85 -17.90
CA PRO D 90 -22.32 -5.61 -18.56
C PRO D 90 -22.80 -5.83 -19.99
N LEU D 91 -22.65 -7.05 -20.49
CA LEU D 91 -23.09 -7.38 -21.84
C LEU D 91 -24.40 -8.13 -21.79
N ASP D 92 -25.11 -7.99 -20.68
CA ASP D 92 -26.38 -8.66 -20.51
C ASP D 92 -26.33 -10.15 -20.74
N VAL D 93 -25.29 -10.80 -20.22
CA VAL D 93 -25.19 -12.24 -20.36
C VAL D 93 -24.79 -12.78 -18.99
N SER D 94 -25.26 -13.97 -18.69
CA SER D 94 -24.98 -14.60 -17.41
C SER D 94 -23.54 -15.09 -17.28
N TYR D 95 -23.01 -15.01 -16.06
CA TYR D 95 -21.66 -15.49 -15.77
C TYR D 95 -21.66 -16.30 -14.47
N HIS D 96 -21.29 -17.56 -14.57
CA HIS D 96 -21.27 -18.44 -13.40
C HIS D 96 -19.97 -18.35 -12.62
N GLY D 97 -20.06 -17.82 -11.41
CA GLY D 97 -18.89 -17.69 -10.59
C GLY D 97 -19.17 -18.24 -9.20
N VAL D 98 -18.45 -17.73 -8.21
CA VAL D 98 -18.60 -18.14 -6.83
C VAL D 98 -18.62 -16.95 -5.89
N SER D 99 -19.03 -17.20 -4.64
CA SER D 99 -19.10 -16.14 -3.63
C SER D 99 -18.27 -16.51 -2.40
N PHE D 100 -17.61 -15.49 -1.83
CA PHE D 100 -16.77 -15.65 -0.65
C PHE D 100 -17.60 -16.06 0.55
N TYR D 101 -17.13 -17.04 1.31
CA TYR D 101 -17.82 -17.47 2.52
C TYR D 101 -17.57 -16.27 3.45
N SER D 102 -18.29 -16.14 4.59
CA SER D 102 -18.16 -14.96 5.47
C SER D 102 -17.61 -15.02 6.90
N LYS D 103 -17.97 -16.01 7.71
CA LYS D 103 -17.44 -15.97 9.09
C LYS D 103 -15.98 -16.41 9.32
N ILE D 104 -15.05 -15.49 9.08
CA ILE D 104 -13.64 -15.81 9.30
C ILE D 104 -12.91 -14.70 10.06
N CYS D 105 -11.66 -14.97 10.40
CA CYS D 105 -10.87 -14.02 11.14
C CYS D 105 -9.44 -14.53 11.18
N GLY D 106 -8.51 -13.63 11.48
CA GLY D 106 -7.11 -13.99 11.55
C GLY D 106 -6.67 -14.01 13.00
N VAL D 107 -5.78 -14.93 13.33
CA VAL D 107 -5.26 -15.07 14.69
C VAL D 107 -3.77 -15.25 14.53
N SER D 108 -3.00 -14.31 15.04
CA SER D 108 -1.57 -14.40 14.93
C SER D 108 -0.92 -14.79 16.24
N ILE D 109 0.13 -15.60 16.14
CA ILE D 109 0.86 -16.05 17.30
C ILE D 109 1.87 -14.94 17.55
N VAL D 110 1.55 -14.10 18.54
CA VAL D 110 2.34 -12.93 18.86
C VAL D 110 3.83 -12.92 18.58
N ARG D 111 4.17 -11.85 17.88
CA ARG D 111 5.47 -11.45 17.35
C ARG D 111 5.56 -11.98 15.94
N ALA D 112 6.24 -13.11 15.76
CA ALA D 112 6.39 -13.68 14.42
C ALA D 112 5.09 -13.73 13.64
N GLY D 113 4.03 -14.20 14.26
CA GLY D 113 2.76 -14.29 13.56
C GLY D 113 2.18 -12.96 13.11
N GLU D 114 2.48 -11.90 13.86
CA GLU D 114 1.98 -10.56 13.53
C GLU D 114 2.46 -10.03 12.18
N SER D 115 3.61 -10.50 11.71
CA SER D 115 4.15 -10.05 10.43
C SER D 115 3.23 -10.42 9.26
N MET D 116 2.35 -11.38 9.46
CA MET D 116 1.44 -11.81 8.41
C MET D 116 0.08 -11.13 8.44
N GLU D 117 -0.15 -10.31 9.46
CA GLU D 117 -1.43 -9.59 9.58
C GLU D 117 -1.53 -8.54 8.49
N SER D 118 -0.39 -7.91 8.19
CA SER D 118 -0.33 -6.88 7.16
C SER D 118 -0.91 -7.48 5.90
N GLY D 119 -0.36 -8.61 5.51
CA GLY D 119 -0.82 -9.28 4.31
C GLY D 119 -2.29 -9.64 4.32
N LEU D 120 -2.76 -10.19 5.42
CA LEU D 120 -4.17 -10.57 5.51
C LEU D 120 -5.04 -9.32 5.40
N ARG D 121 -4.64 -8.27 6.12
CA ARG D 121 -5.38 -7.02 6.09
C ARG D 121 -5.35 -6.35 4.70
N ALA D 122 -4.30 -6.61 3.92
CA ALA D 122 -4.18 -6.03 2.58
C ALA D 122 -5.23 -6.56 1.62
N VAL D 123 -5.58 -7.83 1.77
CA VAL D 123 -6.57 -8.45 0.90
C VAL D 123 -7.96 -8.55 1.54
N CYS D 124 -8.02 -8.61 2.87
CA CYS D 124 -9.28 -8.68 3.60
C CYS D 124 -9.42 -7.43 4.47
N ARG D 125 -9.95 -6.36 3.89
CA ARG D 125 -10.10 -5.12 4.66
C ARG D 125 -11.04 -5.29 5.84
N GLY D 126 -10.58 -4.86 7.02
CA GLY D 126 -11.39 -4.94 8.22
C GLY D 126 -11.57 -6.31 8.87
N VAL D 127 -10.78 -7.29 8.43
CA VAL D 127 -10.87 -8.63 8.96
C VAL D 127 -10.53 -8.60 10.46
N ARG D 128 -11.31 -9.33 11.25
CA ARG D 128 -11.09 -9.36 12.69
C ARG D 128 -9.79 -10.09 12.98
N ILE D 129 -8.98 -9.54 13.86
CA ILE D 129 -7.70 -10.15 14.18
C ILE D 129 -7.52 -10.42 15.67
N GLY D 130 -7.26 -11.68 16.00
CA GLY D 130 -7.02 -12.06 17.39
C GLY D 130 -5.53 -12.25 17.60
N LYS D 131 -5.11 -12.22 18.86
CA LYS D 131 -3.71 -12.39 19.18
C LYS D 131 -3.57 -13.35 20.34
N ILE D 132 -2.53 -14.18 20.29
CA ILE D 132 -2.24 -15.14 21.34
C ILE D 132 -0.74 -15.18 21.52
N LEU D 133 -0.28 -14.78 22.70
CA LEU D 133 1.15 -14.78 22.98
C LEU D 133 1.50 -16.01 23.81
N ILE D 134 2.17 -16.98 23.19
CA ILE D 134 2.59 -18.20 23.87
C ILE D 134 4.08 -18.09 24.16
N GLN D 135 4.51 -18.68 25.26
CA GLN D 135 5.92 -18.57 25.64
C GLN D 135 6.38 -19.73 26.51
N ARG D 136 7.56 -20.27 26.19
CA ARG D 136 8.11 -21.40 26.95
C ARG D 136 8.75 -20.94 28.26
N ASP D 137 8.49 -21.68 29.34
CA ASP D 137 9.08 -21.36 30.64
C ASP D 137 10.61 -21.37 30.47
N GLU D 138 11.27 -20.34 30.98
CA GLU D 138 12.72 -20.24 30.86
C GLU D 138 13.48 -21.45 31.42
N THR D 139 12.87 -22.14 32.38
CA THR D 139 13.48 -23.31 32.99
C THR D 139 12.90 -24.57 32.42
N THR D 140 11.61 -24.76 32.68
CA THR D 140 10.84 -25.92 32.26
C THR D 140 10.73 -26.10 30.75
N ALA D 141 10.85 -25.01 30.01
CA ALA D 141 10.81 -25.08 28.56
C ALA D 141 9.49 -25.49 27.94
N GLU D 142 8.39 -25.40 28.66
CA GLU D 142 7.13 -25.76 28.02
C GLU D 142 6.24 -24.56 27.76
N PRO D 143 5.40 -24.65 26.71
CA PRO D 143 4.45 -23.63 26.25
C PRO D 143 3.44 -23.16 27.28
N LYS D 144 3.52 -21.88 27.63
CA LYS D 144 2.62 -21.25 28.58
C LYS D 144 1.82 -20.19 27.83
N LEU D 145 0.53 -20.07 28.15
CA LEU D 145 -0.31 -19.05 27.54
C LEU D 145 -0.18 -17.78 28.38
N ILE D 146 0.54 -16.79 27.85
CA ILE D 146 0.78 -15.53 28.56
C ILE D 146 -0.28 -14.46 28.32
N TYR D 147 -0.67 -14.28 27.06
CA TYR D 147 -1.67 -13.25 26.74
C TYR D 147 -2.52 -13.67 25.56
N GLU D 148 -3.77 -13.22 25.53
CA GLU D 148 -4.67 -13.54 24.43
C GLU D 148 -5.86 -12.56 24.34
N LYS D 149 -6.11 -12.09 23.13
CA LYS D 149 -7.20 -11.15 22.83
C LYS D 149 -7.85 -11.61 21.51
N LEU D 150 -8.96 -12.34 21.61
CA LEU D 150 -9.64 -12.85 20.43
C LEU D 150 -11.04 -12.31 20.27
N PRO D 151 -11.59 -12.38 19.05
CA PRO D 151 -12.95 -11.88 18.83
C PRO D 151 -13.95 -12.66 19.68
N ALA D 152 -14.91 -11.94 20.24
CA ALA D 152 -15.92 -12.54 21.10
C ALA D 152 -16.65 -13.74 20.52
N ASP D 153 -16.82 -13.78 19.21
CA ASP D 153 -17.54 -14.89 18.56
C ASP D 153 -16.66 -15.78 17.70
N ILE D 154 -15.37 -15.88 18.03
CA ILE D 154 -14.44 -16.67 17.26
C ILE D 154 -14.87 -18.14 17.10
N ARG D 155 -15.64 -18.64 18.06
CA ARG D 155 -16.08 -20.03 18.01
C ARG D 155 -16.95 -20.35 16.80
N GLU D 156 -17.57 -19.34 16.21
CA GLU D 156 -18.43 -19.57 15.04
C GLU D 156 -17.83 -19.08 13.73
N ARG D 157 -16.51 -19.02 13.67
CA ARG D 157 -15.84 -18.55 12.46
C ARG D 157 -14.71 -19.48 12.09
N TRP D 158 -14.17 -19.27 10.89
CA TRP D 158 -13.03 -20.03 10.41
C TRP D 158 -11.81 -19.24 10.85
N VAL D 159 -10.82 -19.93 11.39
CA VAL D 159 -9.61 -19.28 11.86
C VAL D 159 -8.40 -19.47 10.92
N MET D 160 -7.76 -18.35 10.61
CA MET D 160 -6.56 -18.28 9.78
C MET D 160 -5.44 -18.14 10.81
N LEU D 161 -4.91 -19.26 11.29
CA LEU D 161 -3.87 -19.21 12.30
C LEU D 161 -2.53 -18.88 11.67
N LEU D 162 -2.00 -17.71 11.99
CA LEU D 162 -0.74 -17.23 11.44
C LEU D 162 0.53 -17.40 12.27
N ASP D 163 1.53 -18.03 11.67
CA ASP D 163 2.84 -18.22 12.29
C ASP D 163 3.81 -18.67 11.18
N PRO D 164 4.77 -17.81 10.82
CA PRO D 164 5.76 -18.06 9.79
C PRO D 164 6.59 -19.35 9.87
N MET D 165 7.05 -19.70 11.06
CA MET D 165 7.85 -20.91 11.22
C MET D 165 7.16 -22.01 12.01
N CYS D 166 7.54 -23.25 11.71
CA CYS D 166 7.00 -24.42 12.40
C CYS D 166 8.12 -25.44 12.59
N ALA D 167 8.82 -25.34 13.71
CA ALA D 167 9.94 -26.24 14.01
C ALA D 167 9.51 -27.48 14.80
N THR D 168 9.22 -27.32 16.08
CA THR D 168 8.79 -28.45 16.89
C THR D 168 7.26 -28.56 16.94
N ALA D 169 6.58 -27.48 16.54
CA ALA D 169 5.12 -27.42 16.52
C ALA D 169 4.57 -27.28 17.94
N GLY D 170 5.46 -27.14 18.90
CA GLY D 170 5.06 -27.02 20.29
C GLY D 170 4.23 -25.79 20.61
N SER D 171 4.53 -24.65 19.97
CA SER D 171 3.79 -23.43 20.25
C SER D 171 2.51 -23.29 19.45
N VAL D 172 2.44 -23.95 18.29
CA VAL D 172 1.22 -23.85 17.48
C VAL D 172 0.19 -24.85 18.01
N CYS D 173 0.67 -25.97 18.54
CA CYS D 173 -0.24 -26.98 19.11
C CYS D 173 -0.87 -26.39 20.37
N LYS D 174 -0.08 -25.63 21.13
CA LYS D 174 -0.57 -24.99 22.34
C LYS D 174 -1.64 -23.98 21.95
N ALA D 175 -1.41 -23.29 20.84
CA ALA D 175 -2.33 -22.28 20.33
C ALA D 175 -3.68 -22.89 19.94
N ILE D 176 -3.61 -24.01 19.21
CA ILE D 176 -4.82 -24.72 18.76
C ILE D 176 -5.61 -25.27 19.94
N GLU D 177 -4.90 -25.61 21.00
CA GLU D 177 -5.50 -26.14 22.21
C GLU D 177 -6.44 -25.09 22.81
N VAL D 178 -5.90 -23.89 23.08
CA VAL D 178 -6.69 -22.81 23.65
C VAL D 178 -7.83 -22.40 22.73
N LEU D 179 -7.59 -22.47 21.42
CA LEU D 179 -8.60 -22.11 20.43
C LEU D 179 -9.76 -23.11 20.50
N LEU D 180 -9.42 -24.38 20.70
CA LEU D 180 -10.41 -25.44 20.79
C LEU D 180 -11.16 -25.34 22.12
N ARG D 181 -10.44 -24.95 23.15
CA ARG D 181 -11.00 -24.81 24.48
C ARG D 181 -11.98 -23.65 24.52
N LEU D 182 -12.01 -22.85 23.45
CA LEU D 182 -12.92 -21.72 23.36
C LEU D 182 -14.06 -22.04 22.40
N GLY D 183 -14.10 -23.28 21.93
CA GLY D 183 -15.19 -23.67 21.04
C GLY D 183 -14.99 -23.61 19.54
N VAL D 184 -13.79 -23.27 19.05
CA VAL D 184 -13.60 -23.24 17.61
C VAL D 184 -13.42 -24.69 17.14
N LYS D 185 -14.04 -25.02 16.01
CA LYS D 185 -13.95 -26.37 15.45
C LYS D 185 -12.58 -26.64 14.83
N GLU D 186 -12.04 -27.82 15.11
CA GLU D 186 -10.74 -28.21 14.60
C GLU D 186 -10.64 -28.16 13.08
N GLU D 187 -11.68 -28.63 12.41
CA GLU D 187 -11.68 -28.64 10.94
C GLU D 187 -11.91 -27.26 10.31
N ARG D 188 -11.82 -26.20 11.10
CA ARG D 188 -11.98 -24.84 10.59
C ARG D 188 -10.74 -23.99 10.82
N ILE D 189 -9.66 -24.61 11.26
CA ILE D 189 -8.42 -23.90 11.51
C ILE D 189 -7.55 -24.08 10.25
N ILE D 190 -7.21 -22.98 9.58
CA ILE D 190 -6.34 -23.06 8.41
C ILE D 190 -5.02 -22.52 8.90
N PHE D 191 -4.07 -23.42 9.14
CA PHE D 191 -2.76 -23.02 9.62
C PHE D 191 -1.89 -22.54 8.45
N VAL D 192 -1.64 -21.24 8.40
CA VAL D 192 -0.82 -20.72 7.32
C VAL D 192 0.58 -20.51 7.86
N ASN D 193 1.54 -21.12 7.18
CA ASN D 193 2.93 -21.08 7.60
C ASN D 193 3.84 -20.81 6.40
N ILE D 194 5.00 -20.23 6.65
CA ILE D 194 5.95 -19.94 5.58
C ILE D 194 6.92 -21.11 5.40
N LEU D 195 7.60 -21.48 6.48
CA LEU D 195 8.58 -22.55 6.44
C LEU D 195 8.32 -23.58 7.55
N ALA D 196 8.39 -24.88 7.21
CA ALA D 196 8.15 -25.93 8.19
C ALA D 196 9.16 -27.08 8.19
N ALA D 197 9.36 -27.70 9.35
CA ALA D 197 10.26 -28.85 9.47
C ALA D 197 9.33 -30.06 9.48
N PRO D 198 9.74 -31.18 8.88
CA PRO D 198 8.94 -32.40 8.82
C PRO D 198 8.33 -32.87 10.14
N GLN D 199 9.14 -32.96 11.19
CA GLN D 199 8.63 -33.40 12.48
C GLN D 199 7.57 -32.43 12.98
N GLY D 200 7.72 -31.17 12.62
CA GLY D 200 6.75 -30.18 13.03
C GLY D 200 5.41 -30.50 12.42
N ILE D 201 5.40 -30.79 11.13
CA ILE D 201 4.17 -31.12 10.42
C ILE D 201 3.58 -32.39 11.02
N GLU D 202 4.44 -33.38 11.25
CA GLU D 202 4.02 -34.65 11.82
C GLU D 202 3.25 -34.49 13.13
N ARG D 203 3.86 -33.82 14.09
CA ARG D 203 3.24 -33.62 15.38
C ARG D 203 1.87 -32.92 15.26
N VAL D 204 1.82 -31.87 14.44
CA VAL D 204 0.57 -31.15 14.28
C VAL D 204 -0.56 -32.07 13.86
N PHE D 205 -0.33 -32.88 12.82
CA PHE D 205 -1.37 -33.77 12.34
C PHE D 205 -1.56 -35.04 13.15
N LYS D 206 -0.68 -35.24 14.13
CA LYS D 206 -0.77 -36.38 15.01
C LYS D 206 -1.83 -36.01 16.06
N GLU D 207 -1.74 -34.79 16.56
CA GLU D 207 -2.67 -34.30 17.58
C GLU D 207 -3.95 -33.73 17.02
N TYR D 208 -3.83 -32.85 16.02
CA TYR D 208 -5.00 -32.23 15.41
C TYR D 208 -5.01 -32.58 13.94
N PRO D 209 -5.43 -33.81 13.62
CA PRO D 209 -5.49 -34.32 12.25
C PRO D 209 -6.49 -33.66 11.33
N LYS D 210 -7.43 -32.89 11.89
CA LYS D 210 -8.45 -32.26 11.05
C LYS D 210 -8.19 -30.83 10.57
N VAL D 211 -7.12 -30.20 11.05
CA VAL D 211 -6.82 -28.85 10.61
C VAL D 211 -6.20 -28.89 9.21
N ARG D 212 -6.06 -27.71 8.60
CA ARG D 212 -5.46 -27.59 7.29
C ARG D 212 -4.24 -26.72 7.39
N MET D 213 -3.17 -27.10 6.70
CA MET D 213 -1.93 -26.34 6.74
C MET D 213 -1.54 -25.85 5.34
N VAL D 214 -1.25 -24.57 5.23
CA VAL D 214 -0.82 -23.99 3.96
C VAL D 214 0.59 -23.48 4.18
N THR D 215 1.55 -24.01 3.44
CA THR D 215 2.94 -23.60 3.61
C THR D 215 3.60 -23.35 2.27
N ALA D 216 4.76 -22.70 2.29
CA ALA D 216 5.49 -22.41 1.06
C ALA D 216 6.74 -23.26 0.93
N ALA D 217 7.20 -23.81 2.04
CA ALA D 217 8.41 -24.62 2.03
C ALA D 217 8.53 -25.60 3.19
N VAL D 218 9.07 -26.78 2.90
CA VAL D 218 9.28 -27.80 3.90
C VAL D 218 10.78 -28.06 3.87
N ASP D 219 11.48 -27.69 4.94
CA ASP D 219 12.92 -27.91 5.02
C ASP D 219 13.24 -29.35 5.43
N ILE D 220 14.52 -29.67 5.59
CA ILE D 220 14.88 -31.04 5.92
C ILE D 220 14.79 -31.48 7.37
N CYS D 221 15.34 -30.69 8.29
CA CYS D 221 15.32 -31.08 9.70
C CYS D 221 15.55 -29.94 10.65
N LEU D 222 15.79 -30.29 11.92
CA LEU D 222 16.07 -29.32 12.97
C LEU D 222 17.44 -29.67 13.52
N ASN D 223 18.20 -28.65 13.91
CA ASN D 223 19.53 -28.88 14.46
C ASN D 223 19.52 -28.84 15.98
N SER D 224 20.66 -29.11 16.60
CA SER D 224 20.80 -29.12 18.05
C SER D 224 20.05 -28.01 18.78
N ARG D 225 20.03 -26.81 18.19
CA ARG D 225 19.38 -25.67 18.84
C ARG D 225 17.91 -25.51 18.42
N TYR D 226 17.30 -26.60 17.97
CA TYR D 226 15.90 -26.62 17.54
C TYR D 226 15.55 -25.62 16.44
N TYR D 227 16.50 -25.35 15.56
CA TYR D 227 16.29 -24.43 14.44
C TYR D 227 16.09 -25.23 13.16
N ILE D 228 15.17 -24.78 12.31
CA ILE D 228 14.90 -25.45 11.04
C ILE D 228 16.11 -25.19 10.13
N VAL D 229 16.53 -26.19 9.36
CA VAL D 229 17.67 -26.06 8.46
C VAL D 229 17.38 -26.65 7.08
N PRO D 230 17.88 -26.02 6.00
CA PRO D 230 18.70 -24.80 5.93
C PRO D 230 18.16 -23.66 6.78
N GLY D 231 16.84 -23.58 6.89
CA GLY D 231 16.23 -22.55 7.71
C GLY D 231 16.23 -21.15 7.13
N ILE D 232 15.88 -20.19 7.98
CA ILE D 232 15.81 -18.79 7.57
C ILE D 232 16.29 -17.86 8.70
N GLY D 233 16.70 -18.46 9.82
CA GLY D 233 17.14 -17.70 10.97
C GLY D 233 15.92 -17.41 11.83
N ASP D 234 16.01 -16.48 12.77
CA ASP D 234 14.85 -16.17 13.59
C ASP D 234 13.98 -15.14 12.85
N PHE D 235 12.93 -15.63 12.22
CA PHE D 235 12.04 -14.77 11.44
C PHE D 235 11.57 -13.51 12.14
N GLY D 236 10.98 -13.65 13.32
CA GLY D 236 10.50 -12.49 14.04
C GLY D 236 11.57 -11.43 14.31
N ASP D 237 12.79 -11.86 14.62
CA ASP D 237 13.88 -10.92 14.88
C ASP D 237 14.29 -10.17 13.61
N ARG D 238 14.51 -10.93 12.54
CA ARG D 238 14.90 -10.36 11.26
C ARG D 238 13.83 -9.46 10.67
N TYR D 239 12.56 -9.76 10.96
CA TYR D 239 11.47 -8.97 10.44
C TYR D 239 11.27 -7.65 11.18
N PHE D 240 11.32 -7.70 12.50
CA PHE D 240 11.11 -6.51 13.31
C PHE D 240 12.38 -5.76 13.67
N GLY D 241 13.53 -6.30 13.29
CA GLY D 241 14.79 -5.64 13.55
C GLY D 241 15.31 -5.73 14.97
N THR D 242 14.96 -6.78 15.68
CA THR D 242 15.45 -6.93 17.05
C THR D 242 16.58 -7.94 17.10
N MET D 243 17.40 -7.90 16.06
CA MET D 243 18.55 -8.77 15.93
C MET D 243 19.45 -8.71 17.16
#